data_8CLT
#
_entry.id   8CLT
#
_cell.length_a   64.467
_cell.length_b   121.803
_cell.length_c   172.356
_cell.angle_alpha   90.00
_cell.angle_beta   90.00
_cell.angle_gamma   90.00
#
_symmetry.space_group_name_H-M   'C 2 2 21'
#
loop_
_entity.id
_entity.type
_entity.pdbx_description
1 polymer 'Zearalenone lactonase'
2 non-polymer GLYCEROL
3 water water
#
_entity_poly.entity_id   1
_entity_poly.type   'polypeptide(L)'
_entity_poly.pdbx_seq_one_letter_code
;MAEEGTRSEAADAATQARQLPDSRNIFVSHRFPERQVDLGEVVMNFAEAGSPDNPALLLLPEQTGSWWSYEPVMGLLAEN
FHVFAVDIRGQGRSTWTPRRYSLDNFGNDLVRFIALVIKRPVVVAGNSSGGLLAAWLSAYAMPGQIRAALCEDAPFFASE
LVPAYGHSVLQAAGPAFELYRDFLGDQWSIGDWKGFVEAAKASPAKAMQLFPTPDEAPQNLKEYDPEWGRAFFEGTVALH
CPHDRMLSQVKTPILITHHARTIDPETGELLGALSDLQAEHAQDIIRSAGVRVDYQSHPDALHMMHLFDPARYAEILTSW
SATLPANDHHHH
;
_entity_poly.pdbx_strand_id   A,B
#
loop_
_chem_comp.id
_chem_comp.type
_chem_comp.name
_chem_comp.formula
GOL non-polymer GLYCEROL 'C3 H8 O3'
#
# COMPACT_ATOMS: atom_id res chain seq x y z
N ILE A 26 24.33 4.19 -14.36
CA ILE A 26 25.36 4.68 -13.44
C ILE A 26 25.87 3.59 -12.49
N PHE A 27 25.50 2.34 -12.73
CA PHE A 27 25.81 1.26 -11.80
C PHE A 27 27.25 0.80 -11.91
N VAL A 28 27.72 0.13 -10.87
CA VAL A 28 29.09 -0.36 -10.76
C VAL A 28 29.07 -1.86 -10.47
N SER A 29 30.25 -2.48 -10.54
CA SER A 29 30.25 -3.93 -10.41
C SER A 29 30.21 -4.33 -8.95
N HIS A 30 29.87 -5.59 -8.73
CA HIS A 30 29.83 -6.17 -7.39
C HIS A 30 30.28 -7.61 -7.46
N ARG A 31 30.59 -8.16 -6.30
CA ARG A 31 31.17 -9.50 -6.18
C ARG A 31 30.14 -10.61 -6.08
N PHE A 32 28.86 -10.29 -6.11
CA PHE A 32 27.81 -11.27 -6.20
C PHE A 32 26.97 -10.95 -7.42
N PRO A 33 26.69 -11.92 -8.28
CA PRO A 33 25.83 -11.64 -9.44
C PRO A 33 24.46 -11.13 -9.02
N GLU A 34 23.93 -10.23 -9.81
CA GLU A 34 22.64 -9.61 -9.58
C GLU A 34 21.62 -10.14 -10.60
N ARG A 35 20.39 -10.25 -10.16
CA ARG A 35 19.27 -10.66 -10.99
C ARG A 35 18.09 -9.72 -10.73
N GLN A 36 17.15 -9.66 -11.68
CA GLN A 36 15.95 -8.85 -11.52
C GLN A 36 14.72 -9.72 -11.71
N VAL A 37 13.66 -9.42 -10.94
CA VAL A 37 12.40 -10.14 -11.02
C VAL A 37 11.28 -9.12 -11.13
N ASP A 38 10.30 -9.40 -12.01
CA ASP A 38 9.15 -8.53 -12.18
C ASP A 38 8.13 -8.86 -11.10
N LEU A 39 7.91 -7.91 -10.18
CA LEU A 39 6.87 -8.07 -9.17
C LEU A 39 5.50 -7.58 -9.65
N GLY A 40 5.42 -7.00 -10.84
CA GLY A 40 4.18 -6.48 -11.36
C GLY A 40 4.30 -5.00 -11.67
N GLU A 41 4.56 -4.19 -10.67
CA GLU A 41 4.86 -2.79 -10.88
C GLU A 41 6.35 -2.54 -10.83
N VAL A 42 6.97 -2.98 -9.77
CA VAL A 42 8.40 -2.85 -9.59
C VAL A 42 9.07 -4.10 -10.16
N VAL A 43 10.16 -3.88 -10.89
CA VAL A 43 11.15 -4.90 -11.18
C VAL A 43 12.25 -4.75 -10.13
N MET A 44 12.42 -5.78 -9.31
CA MET A 44 13.30 -5.74 -8.14
C MET A 44 14.65 -6.39 -8.47
N ASN A 45 15.73 -5.68 -8.20
CA ASN A 45 17.07 -6.20 -8.32
C ASN A 45 17.52 -6.77 -6.99
N PHE A 46 18.33 -7.82 -7.05
CA PHE A 46 18.77 -8.50 -5.85
C PHE A 46 20.02 -9.30 -6.12
N ALA A 47 20.74 -9.61 -5.04
CA ALA A 47 21.88 -10.52 -5.08
C ALA A 47 21.61 -11.67 -4.12
N GLU A 48 21.94 -12.88 -4.57
CA GLU A 48 21.67 -14.12 -3.85
C GLU A 48 23.01 -14.77 -3.54
N ALA A 49 23.13 -15.32 -2.33
CA ALA A 49 24.33 -16.07 -1.98
C ALA A 49 23.97 -17.20 -1.03
N GLY A 50 24.82 -18.21 -1.00
CA GLY A 50 24.62 -19.32 -0.12
C GLY A 50 23.76 -20.42 -0.71
N SER A 51 23.56 -21.45 0.12
CA SER A 51 22.87 -22.67 -0.28
C SER A 51 21.46 -22.68 0.29
N PRO A 52 20.50 -23.16 -0.51
CA PRO A 52 19.13 -23.32 -0.03
C PRO A 52 18.97 -24.34 1.07
N ASP A 53 20.02 -25.11 1.39
CA ASP A 53 19.94 -26.00 2.52
C ASP A 53 19.95 -25.26 3.85
N ASN A 54 20.26 -23.98 3.84
CA ASN A 54 20.26 -23.18 5.06
C ASN A 54 19.06 -22.24 5.10
N PRO A 55 18.72 -21.70 6.26
CA PRO A 55 17.55 -20.84 6.38
C PRO A 55 17.62 -19.63 5.45
N ALA A 56 16.48 -19.29 4.88
CA ALA A 56 16.40 -18.13 4.02
C ALA A 56 16.45 -16.86 4.85
N LEU A 57 17.20 -15.88 4.35
CA LEU A 57 17.43 -14.61 5.01
C LEU A 57 17.29 -13.50 3.98
N LEU A 58 16.40 -12.55 4.26
CA LEU A 58 16.12 -11.41 3.40
C LEU A 58 16.71 -10.17 4.06
N LEU A 59 17.58 -9.47 3.34
CA LEU A 59 18.31 -8.32 3.87
C LEU A 59 17.80 -7.05 3.21
N LEU A 60 17.36 -6.10 4.04
CA LEU A 60 16.75 -4.85 3.58
C LEU A 60 17.65 -3.67 3.93
N PRO A 61 18.17 -2.93 2.96
CA PRO A 61 19.05 -1.80 3.26
C PRO A 61 18.35 -0.63 3.96
N GLU A 62 19.21 0.25 4.50
CA GLU A 62 18.82 1.57 4.96
C GLU A 62 18.42 2.46 3.78
N GLN A 63 17.68 3.53 4.09
CA GLN A 63 17.38 4.56 3.08
C GLN A 63 18.66 5.14 2.53
N THR A 64 18.72 5.33 1.23
CA THR A 64 19.89 5.72 0.42
C THR A 64 20.86 4.56 0.19
N GLY A 65 20.59 3.39 0.75
CA GLY A 65 21.44 2.24 0.55
C GLY A 65 20.82 1.24 -0.41
N SER A 66 21.67 0.75 -1.31
CA SER A 66 21.33 -0.34 -2.22
C SER A 66 21.64 -1.69 -1.55
N TRP A 67 21.30 -2.80 -2.21
CA TRP A 67 21.56 -4.12 -1.65
C TRP A 67 23.00 -4.24 -1.18
N TRP A 68 23.93 -3.62 -1.90
CA TRP A 68 25.34 -3.81 -1.64
C TRP A 68 25.82 -3.04 -0.40
N SER A 69 24.93 -2.31 0.27
CA SER A 69 25.16 -1.97 1.66
C SER A 69 25.53 -3.21 2.46
N TYR A 70 25.04 -4.39 2.05
CA TYR A 70 25.36 -5.66 2.69
C TYR A 70 26.50 -6.42 2.03
N GLU A 71 27.11 -5.88 0.97
CA GLU A 71 28.10 -6.67 0.24
C GLU A 71 29.25 -7.11 1.13
N PRO A 72 29.83 -6.26 1.98
CA PRO A 72 30.93 -6.74 2.82
C PRO A 72 30.54 -7.83 3.80
N VAL A 73 29.29 -7.85 4.26
CA VAL A 73 28.90 -8.84 5.25
C VAL A 73 28.27 -10.10 4.64
N MET A 74 27.85 -10.06 3.37
CA MET A 74 27.14 -11.21 2.83
C MET A 74 27.96 -12.49 2.83
N GLY A 75 29.27 -12.40 2.59
CA GLY A 75 30.08 -13.61 2.63
C GLY A 75 29.97 -14.32 3.97
N LEU A 76 30.03 -13.54 5.06
CA LEU A 76 29.89 -14.12 6.38
C LEU A 76 28.55 -14.79 6.57
N LEU A 77 27.46 -14.13 6.12
CA LEU A 77 26.12 -14.64 6.37
C LEU A 77 25.80 -15.85 5.48
N ALA A 78 26.36 -15.89 4.27
CA ALA A 78 26.12 -16.99 3.37
C ALA A 78 26.73 -18.31 3.86
N GLU A 79 27.60 -18.25 4.88
CA GLU A 79 28.10 -19.46 5.50
C GLU A 79 26.95 -20.23 6.16
N ASN A 80 25.94 -19.51 6.63
CA ASN A 80 24.90 -20.07 7.48
C ASN A 80 23.49 -19.81 7.01
N PHE A 81 23.30 -18.97 6.00
CA PHE A 81 21.98 -18.60 5.53
C PHE A 81 21.95 -18.66 4.02
N HIS A 82 20.74 -18.80 3.47
CA HIS A 82 20.48 -18.58 2.04
C HIS A 82 20.05 -17.12 1.92
N VAL A 83 20.95 -16.28 1.43
CA VAL A 83 20.85 -14.83 1.57
C VAL A 83 20.28 -14.23 0.30
N PHE A 84 19.33 -13.30 0.46
CA PHE A 84 18.80 -12.47 -0.62
C PHE A 84 18.87 -11.03 -0.14
N ALA A 85 19.70 -10.22 -0.79
CA ALA A 85 19.82 -8.80 -0.49
C ALA A 85 19.20 -8.04 -1.65
N VAL A 86 18.28 -7.14 -1.31
CA VAL A 86 17.43 -6.50 -2.31
C VAL A 86 17.68 -5.00 -2.40
N ASP A 87 17.45 -4.47 -3.62
CA ASP A 87 17.22 -3.05 -3.86
C ASP A 87 15.73 -2.78 -3.67
N ILE A 88 15.38 -1.95 -2.67
CA ILE A 88 14.00 -1.54 -2.46
C ILE A 88 13.60 -0.63 -3.62
N ARG A 89 12.29 -0.59 -3.92
CA ARG A 89 11.82 0.35 -4.93
C ARG A 89 12.35 1.76 -4.67
N GLY A 90 12.67 2.46 -5.74
CA GLY A 90 13.27 3.77 -5.64
C GLY A 90 14.76 3.78 -5.30
N GLN A 91 15.43 2.63 -5.43
CA GLN A 91 16.83 2.52 -5.05
C GLN A 91 17.54 1.49 -5.89
N GLY A 92 18.78 1.80 -6.24
CA GLY A 92 19.60 0.82 -6.94
C GLY A 92 19.05 0.56 -8.33
N ARG A 93 19.06 -0.71 -8.71
CA ARG A 93 18.54 -1.11 -10.02
C ARG A 93 17.05 -1.35 -9.99
N SER A 94 16.39 -1.22 -8.85
CA SER A 94 14.94 -1.42 -8.81
C SER A 94 14.21 -0.20 -9.34
N THR A 95 13.02 -0.45 -9.87
CA THR A 95 12.22 0.60 -10.48
C THR A 95 12.03 1.77 -9.53
N TRP A 96 12.25 2.97 -10.05
CA TRP A 96 11.81 4.20 -9.40
C TRP A 96 10.35 4.44 -9.76
N THR A 97 9.51 4.76 -8.78
CA THR A 97 8.05 4.83 -8.96
C THR A 97 7.57 6.18 -8.44
N PRO A 98 7.59 7.21 -9.27
CA PRO A 98 7.18 8.54 -8.83
C PRO A 98 5.81 8.53 -8.15
N ARG A 99 5.75 9.24 -7.04
CA ARG A 99 4.53 9.51 -6.26
C ARG A 99 3.99 8.30 -5.53
N ARG A 100 4.73 7.19 -5.46
CA ARG A 100 4.20 5.96 -4.87
C ARG A 100 5.01 5.44 -3.70
N TYR A 101 5.78 6.32 -3.03
CA TYR A 101 6.66 5.88 -1.96
C TYR A 101 5.92 5.90 -0.64
N SER A 102 5.52 4.71 -0.18
CA SER A 102 4.87 4.49 1.09
C SER A 102 5.41 3.18 1.67
N LEU A 103 5.37 3.10 2.99
CA LEU A 103 5.80 1.86 3.64
C LEU A 103 4.98 0.68 3.12
N ASP A 104 3.68 0.87 2.92
CA ASP A 104 2.86 -0.22 2.38
C ASP A 104 3.31 -0.65 0.98
N ASN A 105 3.66 0.29 0.10
CA ASN A 105 4.08 -0.14 -1.23
C ASN A 105 5.46 -0.81 -1.17
N PHE A 106 6.36 -0.31 -0.30
CA PHE A 106 7.64 -0.97 -0.12
C PHE A 106 7.42 -2.39 0.40
N GLY A 107 6.54 -2.52 1.39
CA GLY A 107 6.35 -3.80 2.04
C GLY A 107 5.66 -4.79 1.14
N ASN A 108 4.69 -4.32 0.35
CA ASN A 108 4.04 -5.28 -0.52
C ASN A 108 4.94 -5.75 -1.65
N ASP A 109 5.89 -4.92 -2.09
CA ASP A 109 6.88 -5.43 -3.04
C ASP A 109 7.62 -6.61 -2.41
N LEU A 110 7.97 -6.49 -1.13
CA LEU A 110 8.74 -7.54 -0.51
C LEU A 110 7.91 -8.80 -0.26
N VAL A 111 6.62 -8.64 0.07
CA VAL A 111 5.70 -9.79 0.07
C VAL A 111 5.76 -10.53 -1.27
N ARG A 112 5.71 -9.79 -2.37
CA ARG A 112 5.75 -10.40 -3.70
C ARG A 112 7.12 -11.02 -3.98
N PHE A 113 8.19 -10.39 -3.51
CA PHE A 113 9.52 -10.95 -3.74
C PHE A 113 9.65 -12.30 -3.05
N ILE A 114 9.19 -12.38 -1.79
CA ILE A 114 9.23 -13.65 -1.07
C ILE A 114 8.42 -14.71 -1.79
N ALA A 115 7.23 -14.34 -2.27
CA ALA A 115 6.32 -15.32 -2.90
C ALA A 115 6.85 -15.80 -4.24
N LEU A 116 7.51 -14.92 -5.00
CA LEU A 116 7.91 -15.22 -6.36
C LEU A 116 9.32 -15.76 -6.47
N VAL A 117 10.23 -15.32 -5.60
CA VAL A 117 11.65 -15.67 -5.69
C VAL A 117 12.04 -16.67 -4.60
N ILE A 118 11.73 -16.38 -3.35
CA ILE A 118 12.29 -17.19 -2.27
C ILE A 118 11.45 -18.46 -2.05
N LYS A 119 10.13 -18.29 -1.97
CA LYS A 119 9.18 -19.39 -1.87
C LYS A 119 9.40 -20.26 -0.62
N ARG A 120 9.93 -19.67 0.44
CA ARG A 120 10.12 -20.31 1.73
C ARG A 120 9.90 -19.22 2.77
N PRO A 121 9.59 -19.59 4.01
CA PRO A 121 9.58 -18.59 5.08
C PRO A 121 10.97 -17.98 5.26
N VAL A 122 11.01 -16.71 5.65
CA VAL A 122 12.30 -16.04 5.78
C VAL A 122 12.46 -15.42 7.16
N VAL A 123 13.72 -15.29 7.57
CA VAL A 123 14.08 -14.31 8.58
C VAL A 123 14.39 -13.04 7.79
N VAL A 124 13.83 -11.92 8.20
CA VAL A 124 14.07 -10.65 7.51
C VAL A 124 14.84 -9.74 8.46
N ALA A 125 15.90 -9.13 7.95
CA ALA A 125 16.75 -8.22 8.71
C ALA A 125 16.87 -6.94 7.92
N GLY A 126 16.56 -5.81 8.56
CA GLY A 126 16.60 -4.53 7.87
C GLY A 126 17.21 -3.46 8.75
N ASN A 127 17.92 -2.51 8.10
CA ASN A 127 18.58 -1.38 8.76
C ASN A 127 17.76 -0.12 8.55
N SER A 128 17.48 0.60 9.63
CA SER A 128 16.89 1.94 9.53
C SER A 128 15.53 1.77 8.88
N SER A 129 15.23 2.47 7.77
CA SER A 129 13.94 2.26 7.11
C SER A 129 13.70 0.79 6.78
N GLY A 130 14.76 0.05 6.43
CA GLY A 130 14.59 -1.37 6.17
C GLY A 130 14.17 -2.13 7.41
N GLY A 131 14.63 -1.66 8.58
CA GLY A 131 14.12 -2.22 9.83
C GLY A 131 12.66 -1.91 10.07
N LEU A 132 12.21 -0.70 9.69
CA LEU A 132 10.77 -0.45 9.71
C LEU A 132 10.04 -1.46 8.85
N LEU A 133 10.59 -1.76 7.67
CA LEU A 133 9.97 -2.68 6.72
C LEU A 133 10.06 -4.13 7.20
N ALA A 134 11.09 -4.48 7.99
CA ALA A 134 11.11 -5.79 8.61
C ALA A 134 9.95 -5.94 9.59
N ALA A 135 9.73 -4.92 10.45
CA ALA A 135 8.57 -4.92 11.35
C ALA A 135 7.26 -4.93 10.55
N TRP A 136 7.20 -4.13 9.48
CA TRP A 136 6.01 -4.12 8.62
C TRP A 136 5.67 -5.53 8.16
N LEU A 137 6.70 -6.25 7.71
CA LEU A 137 6.47 -7.61 7.22
C LEU A 137 6.00 -8.52 8.34
N SER A 138 6.59 -8.38 9.52
CA SER A 138 6.14 -9.20 10.65
C SER A 138 4.66 -8.99 10.92
N ALA A 139 4.16 -7.77 10.73
CA ALA A 139 2.76 -7.49 10.98
C ALA A 139 1.86 -7.81 9.79
N TYR A 140 2.31 -7.48 8.60
CA TYR A 140 1.41 -7.33 7.46
C TYR A 140 1.72 -8.25 6.27
N ALA A 141 2.70 -9.14 6.37
CA ALA A 141 3.00 -10.00 5.23
C ALA A 141 1.89 -11.06 5.08
N MET A 142 2.00 -11.90 4.04
CA MET A 142 1.07 -13.00 3.89
C MET A 142 1.35 -14.06 4.94
N PRO A 143 0.33 -14.83 5.33
CA PRO A 143 0.53 -15.79 6.43
C PRO A 143 1.70 -16.72 6.16
N GLY A 144 2.57 -16.84 7.16
CA GLY A 144 3.61 -17.81 7.12
C GLY A 144 4.88 -17.36 6.43
N GLN A 145 4.87 -16.18 5.79
CA GLN A 145 6.03 -15.74 5.04
C GLN A 145 7.20 -15.35 5.93
N ILE A 146 6.94 -14.84 7.14
CA ILE A 146 7.97 -14.27 7.99
C ILE A 146 8.11 -15.15 9.24
N ARG A 147 9.35 -15.59 9.51
CA ARG A 147 9.63 -16.33 10.73
C ARG A 147 9.95 -15.40 11.89
N ALA A 148 10.65 -14.30 11.59
CA ALA A 148 11.19 -13.38 12.59
C ALA A 148 11.77 -12.16 11.89
N ALA A 149 11.88 -11.05 12.63
CA ALA A 149 12.39 -9.81 12.09
C ALA A 149 13.48 -9.25 12.98
N LEU A 150 14.59 -8.88 12.37
CA LEU A 150 15.67 -8.13 13.01
C LEU A 150 15.59 -6.68 12.53
N CYS A 151 15.39 -5.77 13.47
CA CYS A 151 15.22 -4.34 13.22
C CYS A 151 16.52 -3.68 13.68
N GLU A 152 17.41 -3.42 12.73
CA GLU A 152 18.77 -2.93 13.03
C GLU A 152 18.70 -1.40 13.06
N ASP A 153 18.76 -0.83 14.27
CA ASP A 153 18.72 0.63 14.46
C ASP A 153 17.60 1.26 13.62
N ALA A 154 16.38 0.81 13.85
CA ALA A 154 15.23 1.28 13.07
C ALA A 154 14.60 2.51 13.71
N PRO A 155 14.28 3.55 12.92
CA PRO A 155 13.75 4.81 13.49
C PRO A 155 12.24 4.74 13.79
N PHE A 156 11.87 3.82 14.68
CA PHE A 156 10.51 3.75 15.17
C PHE A 156 10.13 5.08 15.80
N PHE A 157 8.97 5.62 15.40
CA PHE A 157 8.43 6.89 15.86
C PHE A 157 9.19 8.07 15.27
N ALA A 158 10.52 8.08 15.41
CA ALA A 158 11.31 9.23 15.03
C ALA A 158 11.29 9.52 13.54
N SER A 159 10.89 8.55 12.72
CA SER A 159 10.78 8.76 11.30
C SER A 159 9.35 9.08 10.89
N GLU A 160 8.43 9.22 11.84
CA GLU A 160 7.09 9.69 11.55
C GLU A 160 7.03 11.20 11.67
N LEU A 161 6.10 11.79 10.93
CA LEU A 161 5.84 13.20 11.11
C LEU A 161 5.01 13.46 12.36
N VAL A 162 4.13 12.54 12.71
CA VAL A 162 3.25 12.64 13.86
C VAL A 162 3.42 11.39 14.74
N PRO A 163 4.57 11.22 15.37
CA PRO A 163 4.78 10.01 16.15
C PRO A 163 3.90 9.99 17.40
N ALA A 164 3.62 8.77 17.87
CA ALA A 164 2.93 8.64 19.14
C ALA A 164 3.81 9.09 20.31
N TYR A 165 5.13 8.95 20.18
CA TYR A 165 6.06 9.19 21.28
C TYR A 165 7.32 9.89 20.79
N GLY A 166 7.76 10.88 21.56
CA GLY A 166 9.05 11.50 21.36
C GLY A 166 9.17 12.35 20.09
N HIS A 167 10.40 12.44 19.60
CA HIS A 167 10.79 13.27 18.48
C HIS A 167 10.07 12.89 17.20
N SER A 168 9.63 13.90 16.43
CA SER A 168 9.22 13.67 15.05
C SER A 168 10.42 13.71 14.11
N VAL A 169 10.19 13.31 12.86
CA VAL A 169 11.26 13.38 11.87
C VAL A 169 11.83 14.79 11.75
N LEU A 170 11.03 15.83 12.01
CA LEU A 170 11.50 17.21 11.86
C LEU A 170 12.62 17.51 12.83
N GLN A 171 12.64 16.77 13.94
CA GLN A 171 13.63 16.99 14.99
C GLN A 171 14.65 15.86 15.02
N ALA A 172 14.74 15.10 13.93
CA ALA A 172 15.66 13.96 13.86
C ALA A 172 16.36 13.92 12.50
N ALA A 173 15.95 13.01 11.61
CA ALA A 173 16.67 12.85 10.36
C ALA A 173 16.16 13.78 9.27
N GLY A 174 15.10 14.54 9.55
CA GLY A 174 14.46 15.37 8.55
C GLY A 174 15.34 16.37 7.84
N PRO A 175 16.30 17.01 8.52
CA PRO A 175 17.07 18.06 7.82
C PRO A 175 17.68 17.60 6.50
N ALA A 176 18.32 16.43 6.48
CA ALA A 176 18.94 15.98 5.24
C ALA A 176 17.89 15.68 4.19
N PHE A 177 16.74 15.10 4.62
CA PHE A 177 15.68 14.75 3.67
C PHE A 177 15.14 16.00 2.99
N GLU A 178 14.99 17.08 3.77
CA GLU A 178 14.54 18.35 3.20
C GLU A 178 15.51 18.83 2.13
N LEU A 179 16.82 18.69 2.39
CA LEU A 179 17.82 19.12 1.42
C LEU A 179 17.84 18.22 0.18
N TYR A 180 17.65 16.91 0.36
CA TYR A 180 17.49 16.01 -0.79
C TYR A 180 16.34 16.50 -1.67
N ARG A 181 15.20 16.78 -1.04
CA ARG A 181 14.04 17.24 -1.80
C ARG A 181 14.34 18.56 -2.49
N ASP A 182 14.91 19.51 -1.76
CA ASP A 182 14.98 20.87 -2.27
C ASP A 182 16.07 21.04 -3.33
N PHE A 183 17.16 20.25 -3.25
CA PHE A 183 18.30 20.43 -4.15
C PHE A 183 18.53 19.30 -5.14
N LEU A 184 18.21 18.05 -4.79
CA LEU A 184 18.32 16.94 -5.71
C LEU A 184 17.02 16.71 -6.47
N GLY A 185 15.88 16.74 -5.78
CA GLY A 185 14.58 16.66 -6.45
C GLY A 185 14.09 15.24 -6.68
N ASP A 186 12.77 15.10 -6.78
CA ASP A 186 12.16 13.82 -7.13
C ASP A 186 12.83 13.29 -8.38
N GLN A 187 13.30 12.04 -8.32
CA GLN A 187 13.93 11.36 -9.45
C GLN A 187 15.16 12.12 -9.97
N TRP A 188 15.87 12.80 -9.06
CA TRP A 188 17.05 13.58 -9.45
C TRP A 188 16.70 14.64 -10.49
N SER A 189 15.48 15.19 -10.42
CA SER A 189 15.03 16.11 -11.46
C SER A 189 15.66 17.49 -11.34
N ILE A 190 16.15 17.87 -10.16
CA ILE A 190 16.87 19.13 -9.99
C ILE A 190 18.38 18.89 -10.13
N GLY A 191 18.90 17.98 -9.33
CA GLY A 191 20.28 17.53 -9.47
C GLY A 191 21.34 18.53 -9.10
N ASP A 192 21.03 19.48 -8.21
CA ASP A 192 21.95 20.55 -7.83
C ASP A 192 22.79 20.08 -6.65
N TRP A 193 23.75 19.22 -6.95
CA TRP A 193 24.60 18.64 -5.92
C TRP A 193 25.41 19.73 -5.23
N LYS A 194 25.92 20.70 -6.00
CA LYS A 194 26.71 21.77 -5.40
C LYS A 194 25.89 22.61 -4.43
N GLY A 195 24.65 22.93 -4.80
CA GLY A 195 23.78 23.65 -3.88
C GLY A 195 23.39 22.80 -2.68
N PHE A 196 23.22 21.50 -2.89
CA PHE A 196 22.94 20.62 -1.77
C PHE A 196 24.07 20.69 -0.76
N VAL A 197 25.32 20.56 -1.23
CA VAL A 197 26.45 20.57 -0.32
C VAL A 197 26.51 21.89 0.42
N GLU A 198 26.32 23.00 -0.31
CA GLU A 198 26.37 24.33 0.30
C GLU A 198 25.36 24.44 1.44
N ALA A 199 24.13 24.00 1.18
CA ALA A 199 23.06 24.08 2.17
C ALA A 199 23.32 23.17 3.37
N ALA A 200 23.89 21.99 3.11
CA ALA A 200 24.24 21.07 4.19
C ALA A 200 25.26 21.70 5.12
N LYS A 201 26.29 22.30 4.54
CA LYS A 201 27.31 22.95 5.36
C LYS A 201 26.72 24.08 6.18
N ALA A 202 25.72 24.77 5.64
CA ALA A 202 25.16 25.92 6.31
C ALA A 202 24.03 25.56 7.27
N SER A 203 23.63 24.29 7.35
CA SER A 203 22.42 23.94 8.07
C SER A 203 22.54 24.30 9.55
N PRO A 204 21.48 24.79 10.19
CA PRO A 204 21.52 25.01 11.63
C PRO A 204 21.32 23.75 12.47
N ALA A 205 21.03 22.62 11.82
CA ALA A 205 20.68 21.39 12.52
C ALA A 205 21.94 20.71 13.01
N LYS A 206 21.99 20.45 14.33
CA LYS A 206 23.11 19.68 14.88
C LYS A 206 23.25 18.35 14.14
N ALA A 207 22.13 17.79 13.67
CA ALA A 207 22.17 16.47 13.04
C ALA A 207 22.91 16.49 11.70
N MET A 208 23.14 17.67 11.13
CA MET A 208 23.90 17.80 9.90
C MET A 208 25.39 18.01 10.15
N GLN A 209 25.80 18.10 11.42
CA GLN A 209 27.18 18.49 11.71
C GLN A 209 28.19 17.49 11.16
N LEU A 210 27.85 16.20 11.14
CA LEU A 210 28.75 15.17 10.66
C LEU A 210 28.37 14.65 9.27
N PHE A 211 27.51 15.35 8.55
CA PHE A 211 27.04 14.84 7.27
C PHE A 211 28.12 14.97 6.20
N PRO A 212 28.46 13.90 5.47
CA PRO A 212 29.50 14.01 4.44
C PRO A 212 29.02 14.82 3.25
N THR A 213 29.88 15.71 2.80
CA THR A 213 29.58 16.63 1.70
C THR A 213 30.69 16.54 0.64
N PRO A 214 30.87 15.37 0.04
CA PRO A 214 31.88 15.23 -1.02
C PRO A 214 31.58 16.11 -2.21
N ASP A 215 32.62 16.38 -2.98
CA ASP A 215 32.49 17.28 -4.13
C ASP A 215 31.58 16.69 -5.20
N GLU A 216 31.53 15.37 -5.32
CA GLU A 216 30.62 14.72 -6.25
C GLU A 216 29.69 13.81 -5.45
N ALA A 217 28.51 13.57 -6.00
CA ALA A 217 27.54 12.73 -5.33
C ALA A 217 28.10 11.32 -5.21
N PRO A 218 27.97 10.67 -4.06
CA PRO A 218 28.48 9.29 -3.91
C PRO A 218 27.58 8.27 -4.61
N GLN A 219 28.14 7.09 -4.83
CA GLN A 219 27.46 6.08 -5.64
C GLN A 219 26.10 5.71 -5.07
N ASN A 220 26.02 5.52 -3.75
CA ASN A 220 24.74 5.14 -3.14
C ASN A 220 23.67 6.19 -3.40
N LEU A 221 24.03 7.47 -3.34
CA LEU A 221 23.02 8.52 -3.57
C LEU A 221 22.69 8.66 -5.04
N LYS A 222 23.66 8.40 -5.92
CA LYS A 222 23.34 8.39 -7.34
C LYS A 222 22.33 7.31 -7.68
N GLU A 223 22.28 6.25 -6.87
CA GLU A 223 21.33 5.16 -7.02
C GLU A 223 20.01 5.39 -6.29
N TYR A 224 19.84 6.53 -5.63
CA TYR A 224 18.73 6.80 -4.74
C TYR A 224 17.76 7.76 -5.40
N ASP A 225 16.46 7.44 -5.33
CA ASP A 225 15.44 8.41 -5.76
C ASP A 225 15.13 9.35 -4.60
N PRO A 226 15.50 10.63 -4.68
CA PRO A 226 15.29 11.54 -3.54
C PRO A 226 13.83 11.79 -3.21
N GLU A 227 12.86 11.34 -4.01
CA GLU A 227 11.49 11.42 -3.55
C GLU A 227 11.29 10.61 -2.29
N TRP A 228 12.15 9.62 -2.03
CA TRP A 228 12.12 8.94 -0.74
C TRP A 228 12.25 9.96 0.38
N GLY A 229 13.21 10.86 0.26
CA GLY A 229 13.42 11.85 1.30
C GLY A 229 12.24 12.79 1.44
N ARG A 230 11.67 13.20 0.31
CA ARG A 230 10.45 14.01 0.35
C ARG A 230 9.39 13.29 1.18
N ALA A 231 9.17 12.00 0.89
CA ALA A 231 8.09 11.27 1.55
C ALA A 231 8.29 11.17 3.06
N PHE A 232 9.54 11.02 3.51
CA PHE A 232 9.78 11.03 4.94
C PHE A 232 9.58 12.43 5.53
N PHE A 233 10.14 13.44 4.91
CA PHE A 233 10.05 14.79 5.46
C PHE A 233 8.63 15.31 5.51
N GLU A 234 7.83 15.00 4.47
CA GLU A 234 6.48 15.50 4.40
C GLU A 234 5.46 14.61 5.11
N GLY A 235 5.88 13.49 5.67
CA GLY A 235 4.97 12.68 6.44
C GLY A 235 4.01 11.90 5.59
N THR A 236 4.37 11.66 4.34
CA THR A 236 3.52 10.82 3.52
C THR A 236 3.96 9.36 3.51
N VAL A 237 5.22 9.07 3.81
CA VAL A 237 5.68 7.68 3.66
C VAL A 237 4.91 6.74 4.58
N ALA A 238 4.59 7.17 5.80
CA ALA A 238 3.93 6.36 6.80
C ALA A 238 2.59 6.92 7.26
N LEU A 239 1.98 7.79 6.45
CA LEU A 239 0.67 8.34 6.79
C LEU A 239 -0.32 7.21 7.05
N HIS A 240 -0.28 6.16 6.23
CA HIS A 240 -1.18 5.02 6.33
C HIS A 240 -0.59 3.89 7.15
N CYS A 241 0.54 4.12 7.83
CA CYS A 241 1.22 3.09 8.61
C CYS A 241 1.76 3.71 9.90
N PRO A 242 0.86 4.20 10.77
CA PRO A 242 1.32 4.71 12.08
C PRO A 242 2.07 3.60 12.80
N HIS A 243 3.20 3.97 13.38
CA HIS A 243 4.12 2.96 13.91
C HIS A 243 3.60 2.33 15.18
N ASP A 244 2.88 3.08 16.02
CA ASP A 244 2.30 2.46 17.21
C ASP A 244 1.36 1.32 16.81
N ARG A 245 0.50 1.55 15.81
CA ARG A 245 -0.42 0.51 15.39
C ARG A 245 0.32 -0.63 14.72
N MET A 246 1.34 -0.33 13.93
CA MET A 246 2.01 -1.39 13.23
C MET A 246 2.72 -2.32 14.22
N LEU A 247 3.39 -1.74 15.19
CA LEU A 247 4.09 -2.56 16.17
C LEU A 247 3.12 -3.42 16.98
N SER A 248 1.92 -2.92 17.23
CA SER A 248 0.93 -3.71 17.95
C SER A 248 0.46 -4.91 17.14
N GLN A 249 0.68 -4.93 15.83
CA GLN A 249 0.22 -6.00 14.96
C GLN A 249 1.30 -7.00 14.57
N VAL A 250 2.53 -6.87 15.08
CA VAL A 250 3.54 -7.85 14.73
C VAL A 250 3.14 -9.26 15.18
N LYS A 251 3.58 -10.25 14.41
CA LYS A 251 3.16 -11.64 14.60
C LYS A 251 4.33 -12.60 14.75
N THR A 252 5.56 -12.11 14.82
CA THR A 252 6.73 -12.98 14.88
C THR A 252 7.68 -12.40 15.90
N PRO A 253 8.65 -13.19 16.35
CA PRO A 253 9.69 -12.63 17.21
C PRO A 253 10.37 -11.43 16.54
N ILE A 254 10.77 -10.48 17.37
CA ILE A 254 11.45 -9.26 16.93
C ILE A 254 12.74 -9.12 17.72
N LEU A 255 13.82 -8.78 17.03
CA LEU A 255 15.06 -8.35 17.66
C LEU A 255 15.29 -6.89 17.28
N ILE A 256 15.38 -6.03 18.28
CA ILE A 256 15.69 -4.61 18.11
C ILE A 256 17.13 -4.40 18.52
N THR A 257 17.94 -3.91 17.61
CA THR A 257 19.25 -3.40 18.01
C THR A 257 19.17 -1.88 18.02
N HIS A 258 19.81 -1.27 19.02
CA HIS A 258 19.71 0.15 19.27
C HIS A 258 21.14 0.67 19.36
N HIS A 259 21.58 1.39 18.34
CA HIS A 259 22.98 1.79 18.23
C HIS A 259 23.17 3.15 18.88
N ALA A 260 24.12 3.95 18.41
CA ALA A 260 24.38 5.24 19.04
C ALA A 260 23.17 6.16 19.00
N ARG A 261 22.97 6.89 20.08
CA ARG A 261 21.97 7.95 20.07
C ARG A 261 22.31 8.94 21.16
N THR A 262 22.01 10.21 20.89
CA THR A 262 22.12 11.26 21.89
C THR A 262 21.08 12.33 21.56
N ILE A 263 20.63 13.06 22.57
CA ILE A 263 19.72 14.18 22.38
C ILE A 263 20.54 15.45 22.60
N ASP A 264 20.53 16.35 21.63
CA ASP A 264 21.35 17.54 21.74
C ASP A 264 20.82 18.44 22.84
N PRO A 265 21.66 18.90 23.77
CA PRO A 265 21.15 19.69 24.89
C PRO A 265 20.70 21.09 24.49
N GLU A 266 21.08 21.61 23.32
CA GLU A 266 20.65 22.95 22.91
C GLU A 266 19.40 22.91 22.03
N THR A 267 19.42 22.07 20.99
CA THR A 267 18.30 22.03 20.05
C THR A 267 17.32 20.92 20.38
N GLY A 268 17.71 19.97 21.21
CA GLY A 268 16.89 18.82 21.47
C GLY A 268 16.84 17.84 20.33
N GLU A 269 17.62 18.07 19.28
CA GLU A 269 17.64 17.13 18.16
C GLU A 269 18.05 15.73 18.59
N LEU A 270 17.39 14.75 18.01
CA LEU A 270 17.81 13.36 18.16
C LEU A 270 18.90 13.09 17.13
N LEU A 271 20.08 12.74 17.60
CA LEU A 271 21.17 12.28 16.76
C LEU A 271 21.23 10.77 16.95
N GLY A 272 20.85 10.03 15.93
CA GLY A 272 20.62 8.61 16.04
C GLY A 272 19.31 8.25 15.40
N ALA A 273 18.98 6.96 15.47
CA ALA A 273 17.77 6.49 14.77
C ALA A 273 16.53 6.65 15.63
N LEU A 274 16.62 6.35 16.93
CA LEU A 274 15.49 6.50 17.83
C LEU A 274 16.01 6.74 19.23
N SER A 275 15.18 7.38 20.05
CA SER A 275 15.60 7.72 21.40
C SER A 275 15.38 6.53 22.35
N ASP A 276 15.98 6.63 23.53
CA ASP A 276 15.70 5.61 24.54
C ASP A 276 14.20 5.52 24.84
N LEU A 277 13.50 6.67 24.89
CA LEU A 277 12.07 6.65 25.19
C LEU A 277 11.30 5.98 24.06
N GLN A 278 11.68 6.26 22.82
CA GLN A 278 11.05 5.62 21.67
C GLN A 278 11.29 4.12 21.67
N ALA A 279 12.50 3.69 22.02
CA ALA A 279 12.80 2.27 22.06
C ALA A 279 12.03 1.56 23.17
N GLU A 280 11.92 2.22 24.34
CA GLU A 280 11.12 1.67 25.43
C GLU A 280 9.69 1.43 24.99
N HIS A 281 9.06 2.42 24.37
CA HIS A 281 7.67 2.23 23.94
C HIS A 281 7.54 1.16 22.87
N ALA A 282 8.48 1.11 21.93
CA ALA A 282 8.44 0.09 20.89
C ALA A 282 8.47 -1.32 21.50
N GLN A 283 9.36 -1.55 22.47
CA GLN A 283 9.40 -2.84 23.15
C GLN A 283 8.09 -3.11 23.86
N ASP A 284 7.58 -2.10 24.56
CA ASP A 284 6.37 -2.30 25.36
C ASP A 284 5.20 -2.68 24.47
N ILE A 285 5.07 -2.04 23.32
CA ILE A 285 3.98 -2.35 22.41
C ILE A 285 4.12 -3.76 21.85
N ILE A 286 5.33 -4.13 21.44
CA ILE A 286 5.54 -5.48 20.93
C ILE A 286 5.23 -6.52 22.00
N ARG A 287 5.76 -6.29 23.22
CA ARG A 287 5.44 -7.22 24.31
C ARG A 287 3.94 -7.32 24.52
N SER A 288 3.22 -6.21 24.39
CA SER A 288 1.79 -6.27 24.57
C SER A 288 1.11 -7.04 23.46
N ALA A 289 1.75 -7.17 22.30
CA ALA A 289 1.22 -8.00 21.22
C ALA A 289 1.36 -9.48 21.51
N GLY A 290 2.12 -9.85 22.54
CA GLY A 290 2.26 -11.25 22.91
C GLY A 290 3.31 -12.01 22.16
N VAL A 291 4.22 -11.32 21.46
CA VAL A 291 5.26 -11.98 20.68
C VAL A 291 6.57 -11.82 21.44
N ARG A 292 7.54 -12.65 21.08
CA ARG A 292 8.88 -12.56 21.66
C ARG A 292 9.57 -11.29 21.16
N VAL A 293 10.19 -10.54 22.07
CA VAL A 293 10.95 -9.36 21.67
C VAL A 293 12.26 -9.33 22.45
N ASP A 294 13.35 -9.12 21.72
CA ASP A 294 14.66 -8.98 22.33
C ASP A 294 15.22 -7.62 21.94
N TYR A 295 15.87 -6.98 22.90
CA TYR A 295 16.42 -5.64 22.74
C TYR A 295 17.90 -5.71 23.10
N GLN A 296 18.75 -5.21 22.20
CA GLN A 296 20.18 -5.07 22.45
C GLN A 296 20.60 -3.64 22.23
N SER A 297 21.14 -3.01 23.28
CA SER A 297 21.68 -1.68 23.17
C SER A 297 23.18 -1.76 22.86
N HIS A 298 23.61 -1.07 21.81
CA HIS A 298 24.99 -1.03 21.36
C HIS A 298 25.32 0.45 21.20
N PRO A 299 25.51 1.15 22.33
CA PRO A 299 25.51 2.62 22.29
C PRO A 299 26.72 3.23 21.60
N ASP A 300 27.74 2.44 21.29
CA ASP A 300 28.87 2.97 20.53
C ASP A 300 28.88 2.52 19.09
N ALA A 301 27.88 1.75 18.67
CA ALA A 301 27.81 1.25 17.30
C ALA A 301 27.34 2.34 16.35
N LEU A 302 27.90 2.32 15.14
CA LEU A 302 27.45 3.20 14.08
C LEU A 302 26.10 2.72 13.56
N HIS A 303 25.41 3.62 12.88
CA HIS A 303 24.04 3.35 12.45
C HIS A 303 23.95 2.13 11.55
N MET A 304 24.85 2.01 10.58
CA MET A 304 24.90 0.82 9.73
C MET A 304 25.99 -0.15 10.24
N MET A 305 25.66 -0.83 11.34
CA MET A 305 26.58 -1.83 11.88
C MET A 305 26.87 -2.92 10.85
N HIS A 306 25.88 -3.32 10.06
CA HIS A 306 26.12 -4.42 9.13
C HIS A 306 27.21 -4.05 8.11
N LEU A 307 27.47 -2.76 7.91
CA LEU A 307 28.48 -2.30 6.97
C LEU A 307 29.79 -1.92 7.65
N PHE A 308 29.72 -1.24 8.79
CA PHE A 308 30.90 -0.68 9.45
C PHE A 308 31.44 -1.54 10.59
N ASP A 309 30.69 -2.53 11.05
CA ASP A 309 31.21 -3.55 12.00
C ASP A 309 30.61 -4.88 11.58
N PRO A 310 30.93 -5.35 10.38
CA PRO A 310 30.21 -6.50 9.80
C PRO A 310 30.35 -7.77 10.60
N ALA A 311 31.52 -8.02 11.20
CA ALA A 311 31.65 -9.25 11.96
C ALA A 311 30.71 -9.22 13.17
N ARG A 312 30.58 -8.05 13.82
CA ARG A 312 29.72 -7.95 14.99
C ARG A 312 28.26 -8.17 14.60
N TYR A 313 27.83 -7.51 13.54
CA TYR A 313 26.45 -7.69 13.08
C TYR A 313 26.15 -9.14 12.74
N ALA A 314 27.05 -9.79 12.02
CA ALA A 314 26.84 -11.18 11.62
C ALA A 314 26.67 -12.08 12.83
N GLU A 315 27.50 -11.88 13.87
CA GLU A 315 27.37 -12.68 15.07
C GLU A 315 26.02 -12.42 15.76
N ILE A 316 25.59 -11.16 15.83
CA ILE A 316 24.32 -10.87 16.45
C ILE A 316 23.20 -11.61 15.74
N LEU A 317 23.15 -11.47 14.41
CA LEU A 317 22.06 -12.05 13.63
C LEU A 317 22.09 -13.58 13.70
N THR A 318 23.28 -14.17 13.54
CA THR A 318 23.40 -15.63 13.50
C THR A 318 23.08 -16.23 14.87
N SER A 319 23.62 -15.64 15.94
CA SER A 319 23.34 -16.17 17.27
C SER A 319 21.87 -16.09 17.62
N TRP A 320 21.22 -14.97 17.27
CA TRP A 320 19.79 -14.80 17.53
C TRP A 320 18.97 -15.75 16.67
N SER A 321 19.32 -15.91 15.39
CA SER A 321 18.56 -16.82 14.54
C SER A 321 18.60 -18.23 15.11
N ALA A 322 19.74 -18.62 15.70
CA ALA A 322 19.87 -19.99 16.20
C ALA A 322 18.92 -20.26 17.36
N THR A 323 18.40 -19.21 18.02
CA THR A 323 17.43 -19.35 19.09
C THR A 323 15.99 -19.37 18.60
N LEU A 324 15.77 -19.28 17.30
CA LEU A 324 14.40 -19.21 16.86
C LEU A 324 13.82 -20.60 16.72
N PRO A 325 12.53 -20.77 17.00
CA PRO A 325 11.89 -22.07 16.74
C PRO A 325 11.99 -22.42 15.27
N ALA A 326 12.18 -23.70 15.00
CA ALA A 326 12.25 -24.25 13.66
C ALA A 326 13.54 -23.91 12.94
N ASN A 327 14.56 -23.43 13.65
CA ASN A 327 15.88 -23.31 13.03
C ASN A 327 16.26 -24.62 12.36
N ASP A 328 15.99 -25.75 13.04
CA ASP A 328 16.33 -27.06 12.48
C ASP A 328 15.47 -27.41 11.27
N HIS A 329 14.17 -27.09 11.31
CA HIS A 329 13.30 -27.33 10.17
C HIS A 329 13.78 -26.64 8.90
N HIS A 330 14.60 -25.60 9.02
CA HIS A 330 15.01 -24.81 7.85
C HIS A 330 16.43 -25.07 7.41
N HIS A 331 17.05 -26.10 7.97
CA HIS A 331 18.26 -26.71 7.45
C HIS A 331 17.88 -28.01 6.76
N HIS A 332 18.45 -28.25 5.59
CA HIS A 332 18.11 -29.41 4.76
C HIS A 332 19.35 -30.04 4.15
N SER B 23 -20.43 -3.19 16.43
CA SER B 23 -20.58 -4.53 16.96
C SER B 23 -19.89 -5.54 16.04
N ARG B 24 -19.90 -5.26 14.74
CA ARG B 24 -19.43 -6.21 13.75
C ARG B 24 -20.15 -7.55 13.91
N ASN B 25 -21.43 -7.47 14.27
CA ASN B 25 -22.26 -8.65 14.52
C ASN B 25 -23.68 -8.39 14.02
N ILE B 26 -23.78 -7.75 12.86
CA ILE B 26 -25.03 -7.21 12.33
C ILE B 26 -25.37 -7.80 10.97
N PHE B 27 -24.76 -8.92 10.60
CA PHE B 27 -24.90 -9.45 9.26
C PHE B 27 -26.20 -10.20 9.12
N VAL B 28 -26.60 -10.44 7.86
CA VAL B 28 -27.84 -11.13 7.52
C VAL B 28 -27.51 -12.23 6.53
N SER B 29 -28.52 -13.05 6.25
CA SER B 29 -28.30 -14.20 5.38
C SER B 29 -28.36 -13.79 3.91
N HIS B 30 -27.75 -14.60 3.06
CA HIS B 30 -27.68 -14.37 1.62
C HIS B 30 -27.85 -15.69 0.88
N ARG B 31 -28.04 -15.58 -0.44
CA ARG B 31 -28.37 -16.72 -1.28
C ARG B 31 -27.14 -17.49 -1.75
N PHE B 32 -25.93 -16.99 -1.48
CA PHE B 32 -24.72 -17.74 -1.78
C PHE B 32 -23.90 -17.91 -0.50
N PRO B 33 -23.26 -19.05 -0.33
CA PRO B 33 -22.46 -19.27 0.89
C PRO B 33 -21.25 -18.35 0.92
N GLU B 34 -20.87 -17.98 2.14
CA GLU B 34 -19.77 -17.08 2.35
C GLU B 34 -18.64 -17.81 3.06
N ARG B 35 -17.41 -17.45 2.70
CA ARG B 35 -16.21 -17.97 3.31
C ARG B 35 -15.24 -16.82 3.57
N GLN B 36 -14.29 -17.05 4.48
CA GLN B 36 -13.28 -16.04 4.81
C GLN B 36 -11.89 -16.62 4.64
N VAL B 37 -10.95 -15.77 4.24
CA VAL B 37 -9.55 -16.18 4.03
C VAL B 37 -8.62 -15.14 4.65
N ASP B 38 -7.64 -15.62 5.41
CA ASP B 38 -6.64 -14.75 6.03
C ASP B 38 -5.61 -14.35 4.98
N LEU B 39 -5.57 -13.06 4.68
CA LEU B 39 -4.59 -12.51 3.75
C LEU B 39 -3.32 -12.04 4.43
N GLY B 40 -3.29 -12.06 5.77
CA GLY B 40 -2.14 -11.66 6.54
C GLY B 40 -2.42 -10.49 7.46
N GLU B 41 -3.14 -9.50 6.98
CA GLU B 41 -3.65 -8.41 7.81
C GLU B 41 -5.16 -8.41 7.80
N VAL B 42 -5.76 -8.42 6.63
CA VAL B 42 -7.20 -8.48 6.47
C VAL B 42 -7.58 -9.95 6.35
N VAL B 43 -8.69 -10.31 6.99
CA VAL B 43 -9.40 -11.54 6.70
C VAL B 43 -10.54 -11.13 5.79
N MET B 44 -10.50 -11.59 4.55
CA MET B 44 -11.44 -11.16 3.51
C MET B 44 -12.59 -12.15 3.42
N ASN B 45 -13.82 -11.64 3.47
CA ASN B 45 -15.01 -12.42 3.24
C ASN B 45 -15.37 -12.39 1.76
N PHE B 46 -15.92 -13.50 1.28
CA PHE B 46 -16.33 -13.55 -0.12
C PHE B 46 -17.38 -14.62 -0.31
N ALA B 47 -18.14 -14.45 -1.39
CA ALA B 47 -19.11 -15.43 -1.85
C ALA B 47 -18.70 -15.95 -3.21
N GLU B 48 -19.08 -17.19 -3.50
CA GLU B 48 -18.68 -17.88 -4.72
C GLU B 48 -19.93 -18.32 -5.45
N ALA B 49 -19.91 -18.21 -6.77
CA ALA B 49 -20.96 -18.79 -7.59
C ALA B 49 -20.36 -19.34 -8.86
N GLY B 50 -21.09 -20.22 -9.52
CA GLY B 50 -20.62 -20.77 -10.78
C GLY B 50 -19.68 -21.96 -10.61
N SER B 51 -19.31 -22.52 -11.75
CA SER B 51 -18.57 -23.77 -11.79
C SER B 51 -17.10 -23.51 -12.06
N PRO B 52 -16.18 -24.24 -11.42
CA PRO B 52 -14.76 -23.88 -11.51
C PRO B 52 -14.09 -24.27 -12.82
N ASP B 53 -14.79 -24.95 -13.72
CA ASP B 53 -14.28 -25.13 -15.06
C ASP B 53 -14.45 -23.87 -15.91
N ASN B 54 -15.19 -22.90 -15.45
CA ASN B 54 -15.39 -21.71 -16.26
C ASN B 54 -14.42 -20.60 -15.85
N PRO B 55 -14.20 -19.62 -16.72
CA PRO B 55 -13.21 -18.57 -16.43
C PRO B 55 -13.52 -17.84 -15.13
N ALA B 56 -12.46 -17.53 -14.39
CA ALA B 56 -12.59 -16.84 -13.13
C ALA B 56 -12.90 -15.36 -13.30
N LEU B 57 -13.82 -14.89 -12.48
CA LEU B 57 -14.31 -13.52 -12.50
C LEU B 57 -14.33 -13.02 -11.06
N LEU B 58 -13.65 -11.90 -10.83
CA LEU B 58 -13.56 -11.26 -9.53
C LEU B 58 -14.41 -9.99 -9.58
N LEU B 59 -15.39 -9.88 -8.69
CA LEU B 59 -16.34 -8.77 -8.65
C LEU B 59 -16.05 -7.91 -7.43
N LEU B 60 -15.87 -6.61 -7.67
CA LEU B 60 -15.46 -5.63 -6.65
C LEU B 60 -16.59 -4.63 -6.46
N PRO B 61 -17.20 -4.56 -5.28
CA PRO B 61 -18.32 -3.63 -5.09
C PRO B 61 -17.91 -2.16 -5.07
N GLU B 62 -18.96 -1.34 -5.17
CA GLU B 62 -18.86 0.10 -4.97
C GLU B 62 -18.64 0.38 -3.49
N GLN B 63 -18.19 1.60 -3.20
CA GLN B 63 -18.03 2.05 -1.82
C GLN B 63 -19.39 2.03 -1.12
N THR B 64 -19.40 1.59 0.13
CA THR B 64 -20.59 1.35 0.94
C THR B 64 -21.27 0.05 0.55
N GLY B 65 -20.80 -0.65 -0.47
CA GLY B 65 -21.41 -1.89 -0.92
C GLY B 65 -20.59 -3.10 -0.51
N SER B 66 -21.29 -4.11 -0.02
CA SER B 66 -20.69 -5.39 0.27
C SER B 66 -20.76 -6.28 -0.98
N TRP B 67 -20.16 -7.48 -0.88
CA TRP B 67 -20.16 -8.40 -2.01
C TRP B 67 -21.55 -8.59 -2.56
N TRP B 68 -22.56 -8.59 -1.69
CA TRP B 68 -23.92 -8.90 -2.12
C TRP B 68 -24.57 -7.75 -2.86
N SER B 69 -23.84 -6.66 -3.08
CA SER B 69 -24.20 -5.74 -4.16
C SER B 69 -24.37 -6.47 -5.49
N TYR B 70 -23.65 -7.59 -5.67
CA TYR B 70 -23.70 -8.41 -6.87
C TYR B 70 -24.63 -9.61 -6.74
N GLU B 71 -25.35 -9.76 -5.63
CA GLU B 71 -26.15 -10.97 -5.44
C GLU B 71 -27.18 -11.15 -6.54
N PRO B 72 -27.96 -10.15 -6.94
CA PRO B 72 -28.94 -10.37 -8.02
C PRO B 72 -28.33 -10.76 -9.36
N VAL B 73 -27.11 -10.34 -9.65
CA VAL B 73 -26.50 -10.64 -10.95
C VAL B 73 -25.64 -11.89 -10.93
N MET B 74 -25.29 -12.41 -9.75
CA MET B 74 -24.34 -13.52 -9.70
C MET B 74 -24.88 -14.78 -10.39
N GLY B 75 -26.18 -15.04 -10.29
CA GLY B 75 -26.73 -16.19 -10.98
C GLY B 75 -26.53 -16.11 -12.49
N LEU B 76 -26.86 -14.95 -13.07
CA LEU B 76 -26.64 -14.74 -14.49
C LEU B 76 -25.17 -14.97 -14.85
N LEU B 77 -24.25 -14.36 -14.10
CA LEU B 77 -22.84 -14.53 -14.45
C LEU B 77 -22.36 -15.96 -14.21
N ALA B 78 -22.96 -16.67 -13.25
CA ALA B 78 -22.57 -18.04 -12.98
C ALA B 78 -22.84 -18.97 -14.14
N GLU B 79 -23.63 -18.54 -15.13
CA GLU B 79 -23.81 -19.36 -16.31
C GLU B 79 -22.50 -19.54 -17.06
N ASN B 80 -21.60 -18.55 -16.94
CA ASN B 80 -20.42 -18.50 -17.80
C ASN B 80 -19.11 -18.28 -17.08
N PHE B 81 -19.14 -17.98 -15.79
CA PHE B 81 -17.92 -17.65 -15.06
C PHE B 81 -17.91 -18.37 -13.73
N HIS B 82 -16.72 -18.49 -13.19
CA HIS B 82 -16.53 -18.88 -11.81
C HIS B 82 -16.34 -17.58 -11.06
N VAL B 83 -17.38 -17.17 -10.33
CA VAL B 83 -17.52 -15.84 -9.78
C VAL B 83 -17.03 -15.84 -8.34
N PHE B 84 -16.17 -14.87 -8.03
CA PHE B 84 -15.79 -14.54 -6.66
C PHE B 84 -16.22 -13.10 -6.43
N ALA B 85 -17.15 -12.89 -5.52
CA ALA B 85 -17.54 -11.54 -5.11
C ALA B 85 -17.06 -11.29 -3.68
N VAL B 86 -16.30 -10.21 -3.48
CA VAL B 86 -15.58 -9.98 -2.23
C VAL B 86 -16.13 -8.79 -1.46
N ASP B 87 -15.97 -8.86 -0.15
CA ASP B 87 -16.04 -7.70 0.74
C ASP B 87 -14.63 -7.10 0.82
N ILE B 88 -14.46 -5.87 0.31
CA ILE B 88 -13.18 -5.17 0.43
C ILE B 88 -12.96 -4.81 1.88
N ARG B 89 -11.68 -4.66 2.26
CA ARG B 89 -11.36 -4.24 3.62
C ARG B 89 -12.18 -3.01 4.01
N GLY B 90 -12.61 -2.97 5.27
CA GLY B 90 -13.46 -1.90 5.73
C GLY B 90 -14.93 -2.02 5.36
N GLN B 91 -15.35 -3.20 4.90
CA GLN B 91 -16.71 -3.39 4.41
C GLN B 91 -17.16 -4.83 4.64
N GLY B 92 -18.45 -4.98 4.94
CA GLY B 92 -19.01 -6.32 5.08
C GLY B 92 -18.36 -7.07 6.22
N ARG B 93 -18.09 -8.34 5.99
CA ARG B 93 -17.46 -9.18 7.00
C ARG B 93 -15.94 -9.11 6.96
N SER B 94 -15.36 -8.38 6.02
CA SER B 94 -13.91 -8.22 6.01
C SER B 94 -13.45 -7.25 7.09
N THR B 95 -12.21 -7.44 7.50
CA THR B 95 -11.66 -6.72 8.64
C THR B 95 -11.73 -5.22 8.39
N TRP B 96 -12.15 -4.48 9.41
CA TRP B 96 -11.99 -3.04 9.43
C TRP B 96 -10.59 -2.72 9.94
N THR B 97 -9.89 -1.81 9.25
CA THR B 97 -8.49 -1.51 9.54
C THR B 97 -8.29 -0.01 9.70
N PRO B 98 -8.47 0.49 10.92
CA PRO B 98 -8.35 1.93 11.16
C PRO B 98 -7.04 2.48 10.65
N ARG B 99 -7.14 3.65 10.00
CA ARG B 99 -6.02 4.44 9.51
C ARG B 99 -5.28 3.83 8.34
N ARG B 100 -5.80 2.75 7.72
CA ARG B 100 -5.06 2.04 6.69
C ARG B 100 -5.80 2.00 5.35
N TYR B 101 -6.74 2.91 5.13
CA TYR B 101 -7.56 2.87 3.94
C TYR B 101 -6.86 3.65 2.82
N SER B 102 -6.32 2.91 1.86
CA SER B 102 -5.68 3.48 0.68
C SER B 102 -5.95 2.55 -0.49
N LEU B 103 -5.97 3.13 -1.70
CA LEU B 103 -6.17 2.27 -2.87
C LEU B 103 -5.11 1.18 -2.92
N ASP B 104 -3.86 1.50 -2.55
CA ASP B 104 -2.82 0.49 -2.57
C ASP B 104 -3.11 -0.65 -1.59
N ASN B 105 -3.62 -0.35 -0.39
CA ASN B 105 -3.92 -1.43 0.54
C ASN B 105 -5.14 -2.22 0.10
N PHE B 106 -6.16 -1.54 -0.43
CA PHE B 106 -7.28 -2.27 -1.02
C PHE B 106 -6.79 -3.20 -2.11
N GLY B 107 -5.92 -2.69 -3.00
CA GLY B 107 -5.50 -3.46 -4.16
C GLY B 107 -4.59 -4.63 -3.80
N ASN B 108 -3.65 -4.39 -2.91
CA ASN B 108 -2.80 -5.48 -2.51
C ASN B 108 -3.58 -6.59 -1.79
N ASP B 109 -4.63 -6.25 -1.04
CA ASP B 109 -5.46 -7.30 -0.46
C ASP B 109 -5.99 -8.19 -1.56
N LEU B 110 -6.43 -7.58 -2.67
CA LEU B 110 -6.98 -8.35 -3.79
C LEU B 110 -5.91 -9.18 -4.51
N VAL B 111 -4.70 -8.65 -4.64
CA VAL B 111 -3.58 -9.42 -5.18
C VAL B 111 -3.42 -10.70 -4.37
N ARG B 112 -3.41 -10.55 -3.04
CA ARG B 112 -3.29 -11.70 -2.15
C ARG B 112 -4.48 -12.64 -2.31
N PHE B 113 -5.69 -12.07 -2.51
CA PHE B 113 -6.87 -12.90 -2.64
C PHE B 113 -6.78 -13.77 -3.89
N ILE B 114 -6.33 -13.17 -4.99
CA ILE B 114 -6.15 -13.95 -6.22
C ILE B 114 -5.13 -15.05 -6.01
N ALA B 115 -4.03 -14.73 -5.34
CA ALA B 115 -2.94 -15.68 -5.18
C ALA B 115 -3.28 -16.80 -4.22
N LEU B 116 -4.06 -16.51 -3.18
CA LEU B 116 -4.34 -17.49 -2.14
C LEU B 116 -5.62 -18.29 -2.40
N VAL B 117 -6.61 -17.70 -3.05
CA VAL B 117 -7.93 -18.31 -3.22
C VAL B 117 -8.16 -18.76 -4.66
N ILE B 118 -7.94 -17.86 -5.61
CA ILE B 118 -8.36 -18.14 -6.99
C ILE B 118 -7.32 -19.00 -7.71
N LYS B 119 -6.06 -18.56 -7.69
CA LYS B 119 -4.93 -19.32 -8.21
C LYS B 119 -5.03 -19.51 -9.71
N ARG B 120 -5.68 -18.57 -10.38
CA ARG B 120 -5.83 -18.54 -11.83
C ARG B 120 -5.84 -17.08 -12.24
N PRO B 121 -5.58 -16.77 -13.51
CA PRO B 121 -5.81 -15.40 -13.98
C PRO B 121 -7.30 -15.09 -13.97
N VAL B 122 -7.63 -13.81 -13.74
CA VAL B 122 -9.01 -13.41 -13.59
C VAL B 122 -9.36 -12.29 -14.55
N VAL B 123 -10.65 -12.24 -14.93
CA VAL B 123 -11.25 -11.00 -15.35
C VAL B 123 -11.73 -10.31 -14.06
N VAL B 124 -11.42 -9.04 -13.91
CA VAL B 124 -11.88 -8.29 -12.74
C VAL B 124 -12.84 -7.20 -13.19
N ALA B 125 -13.99 -7.11 -12.53
CA ALA B 125 -15.00 -6.10 -12.78
C ALA B 125 -15.36 -5.41 -11.48
N GLY B 126 -15.34 -4.09 -11.51
CA GLY B 126 -15.61 -3.30 -10.31
C GLY B 126 -16.43 -2.07 -10.63
N ASN B 127 -17.28 -1.70 -9.66
CA ASN B 127 -18.19 -0.56 -9.78
C ASN B 127 -17.64 0.59 -8.94
N SER B 128 -17.56 1.78 -9.54
CA SER B 128 -17.21 3.00 -8.82
C SER B 128 -15.84 2.82 -8.18
N SER B 129 -15.68 2.97 -6.85
CA SER B 129 -14.35 2.71 -6.29
C SER B 129 -13.83 1.33 -6.65
N GLY B 130 -14.72 0.34 -6.77
CA GLY B 130 -14.28 -0.98 -7.21
C GLY B 130 -13.71 -0.98 -8.61
N GLY B 131 -14.26 -0.12 -9.47
CA GLY B 131 -13.69 0.07 -10.79
C GLY B 131 -12.33 0.75 -10.77
N LEU B 132 -12.13 1.71 -9.84
CA LEU B 132 -10.78 2.20 -9.61
C LEU B 132 -9.84 1.05 -9.30
N LEU B 133 -10.30 0.11 -8.48
CA LEU B 133 -9.45 -1.01 -8.07
C LEU B 133 -9.26 -2.02 -9.19
N ALA B 134 -10.25 -2.18 -10.05
CA ALA B 134 -10.03 -3.01 -11.23
C ALA B 134 -8.90 -2.45 -12.08
N ALA B 135 -8.90 -1.12 -12.31
CA ALA B 135 -7.79 -0.48 -13.02
C ALA B 135 -6.48 -0.60 -12.24
N TRP B 136 -6.55 -0.41 -10.93
CA TRP B 136 -5.34 -0.56 -10.11
C TRP B 136 -4.74 -1.94 -10.32
N LEU B 137 -5.57 -2.98 -10.36
CA LEU B 137 -5.04 -4.32 -10.55
C LEU B 137 -4.43 -4.47 -11.93
N SER B 138 -5.12 -3.93 -12.97
CA SER B 138 -4.55 -4.02 -14.31
C SER B 138 -3.14 -3.44 -14.37
N ALA B 139 -2.87 -2.38 -13.59
CA ALA B 139 -1.58 -1.71 -13.58
C ALA B 139 -0.57 -2.36 -12.64
N TYR B 140 -1.01 -2.79 -11.46
CA TYR B 140 -0.13 -3.03 -10.32
C TYR B 140 -0.21 -4.42 -9.70
N ALA B 141 -1.04 -5.32 -10.24
CA ALA B 141 -1.09 -6.67 -9.70
C ALA B 141 0.21 -7.41 -10.02
N MET B 142 0.33 -8.62 -9.51
CA MET B 142 1.44 -9.47 -9.88
C MET B 142 1.29 -9.92 -11.33
N PRO B 143 2.40 -10.23 -11.99
CA PRO B 143 2.32 -10.60 -13.41
C PRO B 143 1.41 -11.79 -13.63
N GLY B 144 0.56 -11.64 -14.64
CA GLY B 144 -0.33 -12.68 -15.09
C GLY B 144 -1.62 -12.81 -14.31
N GLN B 145 -1.78 -12.07 -13.21
CA GLN B 145 -2.97 -12.25 -12.39
C GLN B 145 -4.21 -11.75 -13.09
N ILE B 146 -4.11 -10.70 -13.92
CA ILE B 146 -5.25 -9.99 -14.47
C ILE B 146 -5.28 -10.20 -15.98
N ARG B 147 -6.38 -10.77 -16.47
CA ARG B 147 -6.62 -10.90 -17.90
C ARG B 147 -7.09 -9.59 -18.51
N ALA B 148 -8.00 -8.91 -17.81
CA ALA B 148 -8.66 -7.72 -18.29
C ALA B 148 -9.49 -7.14 -17.15
N ALA B 149 -9.85 -5.87 -17.29
CA ALA B 149 -10.57 -5.17 -16.23
C ALA B 149 -11.76 -4.42 -16.79
N LEU B 150 -12.89 -4.59 -16.11
CA LEU B 150 -14.12 -3.84 -16.41
C LEU B 150 -14.29 -2.80 -15.30
N CYS B 151 -14.33 -1.53 -15.70
CA CYS B 151 -14.45 -0.40 -14.79
C CYS B 151 -15.87 0.13 -14.98
N GLU B 152 -16.77 -0.28 -14.09
CA GLU B 152 -18.20 0.05 -14.23
C GLU B 152 -18.43 1.38 -13.55
N ASP B 153 -18.58 2.44 -14.33
CA ASP B 153 -18.86 3.80 -13.82
C ASP B 153 -17.88 4.19 -12.71
N ALA B 154 -16.60 4.13 -13.06
CA ALA B 154 -15.56 4.41 -12.06
C ALA B 154 -15.25 5.90 -12.04
N PRO B 155 -15.09 6.49 -10.86
CA PRO B 155 -14.86 7.96 -10.79
C PRO B 155 -13.39 8.32 -10.97
N PHE B 156 -12.87 8.03 -12.16
CA PHE B 156 -11.52 8.45 -12.50
C PHE B 156 -11.47 9.96 -12.42
N PHE B 157 -10.45 10.49 -11.74
CA PHE B 157 -10.26 11.92 -11.50
C PHE B 157 -11.25 12.51 -10.51
N ALA B 158 -12.55 12.32 -10.73
CA ALA B 158 -13.57 12.94 -9.89
C ALA B 158 -13.52 12.46 -8.44
N SER B 159 -12.87 11.34 -8.15
CA SER B 159 -12.72 10.88 -6.78
C SER B 159 -11.38 11.27 -6.18
N GLU B 160 -10.60 12.09 -6.87
CA GLU B 160 -9.36 12.64 -6.32
C GLU B 160 -9.61 14.01 -5.73
N LEU B 161 -8.73 14.40 -4.79
CA LEU B 161 -8.84 15.72 -4.18
C LEU B 161 -8.34 16.82 -5.11
N VAL B 162 -7.23 16.58 -5.81
CA VAL B 162 -6.75 17.51 -6.82
C VAL B 162 -6.51 16.75 -8.12
N PRO B 163 -7.55 16.44 -8.86
CA PRO B 163 -7.38 15.63 -10.06
C PRO B 163 -6.63 16.39 -11.14
N ALA B 164 -6.02 15.62 -12.04
CA ALA B 164 -5.36 16.23 -13.18
C ALA B 164 -6.36 16.94 -14.08
N TYR B 165 -7.60 16.45 -14.14
CA TYR B 165 -8.65 16.99 -15.00
C TYR B 165 -9.99 17.04 -14.28
N GLY B 166 -10.71 18.15 -14.49
CA GLY B 166 -12.12 18.20 -14.15
C GLY B 166 -12.43 18.35 -12.67
N HIS B 167 -13.67 17.95 -12.34
CA HIS B 167 -14.22 18.09 -10.99
C HIS B 167 -13.42 17.25 -10.01
N SER B 168 -13.20 17.81 -8.82
CA SER B 168 -12.64 17.07 -7.71
C SER B 168 -13.73 16.38 -6.91
N VAL B 169 -13.30 15.55 -5.95
CA VAL B 169 -14.25 14.89 -5.07
C VAL B 169 -15.11 15.90 -4.31
N LEU B 170 -14.56 17.07 -3.97
CA LEU B 170 -15.35 18.08 -3.25
C LEU B 170 -16.50 18.61 -4.09
N GLN B 171 -16.40 18.47 -5.40
CA GLN B 171 -17.38 19.00 -6.35
C GLN B 171 -18.25 17.89 -6.93
N ALA B 172 -18.21 16.70 -6.35
CA ALA B 172 -18.88 15.54 -6.91
C ALA B 172 -19.46 14.66 -5.80
N ALA B 173 -18.80 13.55 -5.44
CA ALA B 173 -19.38 12.62 -4.48
C ALA B 173 -19.08 12.97 -3.04
N GLY B 174 -18.24 14.00 -2.82
CA GLY B 174 -17.74 14.36 -1.51
C GLY B 174 -18.78 14.65 -0.44
N PRO B 175 -19.87 15.32 -0.76
CA PRO B 175 -20.81 15.72 0.29
C PRO B 175 -21.25 14.58 1.20
N ALA B 176 -21.61 13.42 0.63
CA ALA B 176 -22.05 12.31 1.46
C ALA B 176 -20.90 11.81 2.32
N PHE B 177 -19.69 11.75 1.75
CA PHE B 177 -18.51 11.30 2.49
C PHE B 177 -18.27 12.18 3.73
N GLU B 178 -18.37 13.50 3.56
CA GLU B 178 -18.23 14.41 4.70
C GLU B 178 -19.24 14.09 5.78
N LEU B 179 -20.49 13.82 5.39
CA LEU B 179 -21.52 13.51 6.37
C LEU B 179 -21.28 12.16 7.05
N TYR B 180 -20.82 11.15 6.29
CA TYR B 180 -20.43 9.87 6.91
C TYR B 180 -19.40 10.11 8.00
N ARG B 181 -18.36 10.85 7.67
CA ARG B 181 -17.31 11.17 8.65
C ARG B 181 -17.88 11.92 9.86
N ASP B 182 -18.65 12.98 9.60
CA ASP B 182 -19.02 13.89 10.69
C ASP B 182 -20.07 13.29 11.61
N PHE B 183 -20.94 12.41 11.10
CA PHE B 183 -22.06 11.88 11.87
C PHE B 183 -21.96 10.41 12.22
N LEU B 184 -21.44 9.57 11.32
CA LEU B 184 -21.25 8.15 11.61
C LEU B 184 -19.89 7.90 12.25
N GLY B 185 -18.84 8.50 11.69
CA GLY B 185 -17.52 8.46 12.30
C GLY B 185 -16.74 7.20 11.96
N ASP B 186 -15.41 7.30 12.15
CA ASP B 186 -14.52 6.17 11.90
C ASP B 186 -15.01 4.95 12.68
N GLN B 187 -15.13 3.82 11.98
CA GLN B 187 -15.60 2.57 12.59
C GLN B 187 -16.91 2.75 13.34
N TRP B 188 -17.77 3.65 12.86
CA TRP B 188 -19.09 3.87 13.46
C TRP B 188 -18.95 4.31 14.92
N SER B 189 -17.85 4.99 15.24
CA SER B 189 -17.59 5.44 16.61
C SER B 189 -18.50 6.59 17.06
N ILE B 190 -19.18 7.27 16.16
CA ILE B 190 -20.16 8.27 16.53
C ILE B 190 -21.57 7.72 16.45
N GLY B 191 -21.93 7.17 15.29
CA GLY B 191 -23.16 6.44 15.13
C GLY B 191 -24.43 7.25 15.15
N ASP B 192 -24.35 8.53 14.82
CA ASP B 192 -25.51 9.41 14.93
C ASP B 192 -26.30 9.39 13.62
N TRP B 193 -26.99 8.26 13.41
CA TRP B 193 -27.73 8.13 12.16
C TRP B 193 -28.81 9.23 12.04
N LYS B 194 -29.46 9.59 13.14
CA LYS B 194 -30.53 10.59 13.05
C LYS B 194 -29.96 11.93 12.65
N GLY B 195 -28.82 12.31 13.23
CA GLY B 195 -28.15 13.53 12.80
C GLY B 195 -27.71 13.47 11.35
N PHE B 196 -27.20 12.31 10.91
CA PHE B 196 -26.79 12.15 9.51
C PHE B 196 -27.96 12.43 8.57
N VAL B 197 -29.12 11.83 8.85
CA VAL B 197 -30.29 12.01 7.99
C VAL B 197 -30.73 13.47 7.98
N GLU B 198 -30.73 14.15 9.12
N GLU B 198 -30.72 14.12 9.13
CA GLU B 198 -31.16 15.54 9.11
CA GLU B 198 -31.12 15.53 9.21
C GLU B 198 -30.16 16.43 8.38
C GLU B 198 -30.17 16.41 8.41
N ALA B 199 -28.86 16.12 8.48
CA ALA B 199 -27.88 16.88 7.71
C ALA B 199 -27.97 16.57 6.22
N ALA B 200 -28.25 15.31 5.89
CA ALA B 200 -28.41 14.96 4.47
C ALA B 200 -29.61 15.69 3.88
N LYS B 201 -30.73 15.74 4.61
CA LYS B 201 -31.92 16.42 4.12
C LYS B 201 -31.68 17.92 3.98
N ALA B 202 -30.88 18.49 4.87
CA ALA B 202 -30.60 19.91 4.86
C ALA B 202 -29.44 20.30 3.95
N SER B 203 -28.73 19.33 3.37
CA SER B 203 -27.52 19.66 2.62
C SER B 203 -27.87 20.54 1.42
N PRO B 204 -27.11 21.60 1.17
CA PRO B 204 -27.34 22.38 -0.05
C PRO B 204 -26.68 21.78 -1.29
N ALA B 205 -25.97 20.65 -1.14
CA ALA B 205 -25.36 20.01 -2.30
C ALA B 205 -26.44 19.32 -3.13
N LYS B 206 -26.52 19.67 -4.40
CA LYS B 206 -27.54 19.08 -5.26
C LYS B 206 -27.33 17.58 -5.42
N ALA B 207 -26.09 17.12 -5.30
CA ALA B 207 -25.84 15.69 -5.39
C ALA B 207 -26.46 14.92 -4.22
N MET B 208 -26.86 15.60 -3.14
CA MET B 208 -27.53 14.96 -2.03
C MET B 208 -29.04 14.93 -2.20
N GLN B 209 -29.55 15.50 -3.31
CA GLN B 209 -30.98 15.73 -3.41
C GLN B 209 -31.76 14.44 -3.40
N LEU B 210 -31.24 13.39 -4.04
CA LEU B 210 -31.94 12.12 -4.05
C LEU B 210 -31.33 11.11 -3.09
N PHE B 211 -30.56 11.57 -2.12
CA PHE B 211 -29.91 10.62 -1.23
C PHE B 211 -30.95 9.96 -0.34
N PRO B 212 -31.00 8.63 -0.29
CA PRO B 212 -32.03 7.98 0.52
C PRO B 212 -31.76 8.19 2.00
N THR B 213 -32.82 8.53 2.73
CA THR B 213 -32.74 8.91 4.14
C THR B 213 -33.74 8.11 4.96
N PRO B 214 -33.58 6.79 5.00
CA PRO B 214 -34.51 5.96 5.79
C PRO B 214 -34.35 6.22 7.28
N ASP B 215 -35.42 5.93 8.01
CA ASP B 215 -35.41 6.15 9.46
C ASP B 215 -34.28 5.40 10.13
N GLU B 216 -33.85 4.29 9.56
CA GLU B 216 -32.83 3.44 10.14
C GLU B 216 -31.76 3.19 9.09
N ALA B 217 -30.51 3.11 9.54
CA ALA B 217 -29.41 2.91 8.59
C ALA B 217 -29.67 1.67 7.74
N PRO B 218 -29.44 1.73 6.43
CA PRO B 218 -29.62 0.53 5.61
C PRO B 218 -28.52 -0.49 5.90
N GLN B 219 -28.80 -1.75 5.50
CA GLN B 219 -27.87 -2.84 5.81
C GLN B 219 -26.47 -2.59 5.28
N ASN B 220 -26.34 -2.07 4.07
CA ASN B 220 -25.03 -1.88 3.47
C ASN B 220 -24.21 -0.85 4.26
N LEU B 221 -24.86 0.20 4.77
CA LEU B 221 -24.13 1.18 5.55
C LEU B 221 -23.76 0.64 6.93
N LYS B 222 -24.61 -0.22 7.50
CA LYS B 222 -24.23 -0.84 8.78
C LYS B 222 -22.99 -1.70 8.61
N GLU B 223 -22.74 -2.19 7.40
CA GLU B 223 -21.57 -3.00 7.10
C GLU B 223 -20.35 -2.18 6.68
N TYR B 224 -20.50 -0.86 6.59
CA TYR B 224 -19.52 0.05 5.99
C TYR B 224 -18.72 0.74 7.09
N ASP B 225 -17.39 0.74 6.95
CA ASP B 225 -16.55 1.55 7.83
C ASP B 225 -16.50 2.98 7.29
N PRO B 226 -17.14 3.95 7.94
CA PRO B 226 -17.14 5.33 7.41
C PRO B 226 -15.76 5.98 7.29
N GLU B 227 -14.70 5.40 7.87
CA GLU B 227 -13.38 5.97 7.60
C GLU B 227 -13.07 5.93 6.11
N TRP B 228 -13.69 4.99 5.37
CA TRP B 228 -13.60 5.02 3.91
C TRP B 228 -13.97 6.40 3.41
N GLY B 229 -15.10 6.92 3.88
CA GLY B 229 -15.56 8.20 3.42
C GLY B 229 -14.63 9.32 3.79
N ARG B 230 -14.08 9.27 5.00
CA ARG B 230 -13.09 10.25 5.40
C ARG B 230 -11.92 10.25 4.43
N ALA B 231 -11.40 9.05 4.10
CA ALA B 231 -10.23 8.94 3.24
C ALA B 231 -10.49 9.53 1.85
N PHE B 232 -11.71 9.36 1.34
CA PHE B 232 -12.03 9.97 0.05
C PHE B 232 -12.17 11.48 0.19
N PHE B 233 -12.90 11.95 1.19
CA PHE B 233 -13.15 13.39 1.35
C PHE B 233 -11.86 14.16 1.62
N GLU B 234 -10.94 13.57 2.39
CA GLU B 234 -9.71 14.23 2.81
C GLU B 234 -8.55 14.04 1.83
N GLY B 235 -8.74 13.30 0.75
CA GLY B 235 -7.70 13.13 -0.23
C GLY B 235 -6.58 12.21 0.19
N THR B 236 -6.83 11.31 1.12
CA THR B 236 -5.78 10.39 1.54
C THR B 236 -5.87 9.03 0.87
N VAL B 237 -7.06 8.63 0.38
CA VAL B 237 -7.23 7.27 -0.13
C VAL B 237 -6.36 7.04 -1.35
N ALA B 238 -6.24 8.05 -2.22
CA ALA B 238 -5.48 7.97 -3.46
C ALA B 238 -4.30 8.92 -3.46
N LEU B 239 -3.84 9.36 -2.29
CA LEU B 239 -2.69 10.26 -2.25
C LEU B 239 -1.50 9.64 -2.96
N HIS B 240 -1.28 8.33 -2.77
CA HIS B 240 -0.17 7.61 -3.38
C HIS B 240 -0.54 6.91 -4.67
N CYS B 241 -1.68 7.25 -5.25
CA CYS B 241 -2.15 6.60 -6.47
C CYS B 241 -2.82 7.66 -7.33
N PRO B 242 -2.05 8.62 -7.83
CA PRO B 242 -2.63 9.59 -8.77
C PRO B 242 -3.18 8.84 -9.95
N HIS B 243 -4.39 9.26 -10.37
CA HIS B 243 -5.11 8.47 -11.37
C HIS B 243 -4.50 8.60 -12.76
N ASP B 244 -3.96 9.76 -13.10
CA ASP B 244 -3.32 9.88 -14.40
C ASP B 244 -2.14 8.92 -14.54
N ARG B 245 -1.31 8.83 -13.51
CA ARG B 245 -0.23 7.87 -13.50
C ARG B 245 -0.73 6.44 -13.46
N MET B 246 -1.77 6.13 -12.67
CA MET B 246 -2.15 4.72 -12.64
C MET B 246 -2.73 4.29 -13.99
N LEU B 247 -3.51 5.15 -14.62
CA LEU B 247 -4.06 4.77 -15.91
C LEU B 247 -2.97 4.62 -16.97
N SER B 248 -1.87 5.34 -16.82
CA SER B 248 -0.81 5.19 -17.79
C SER B 248 -0.03 3.89 -17.61
N GLN B 249 -0.21 3.20 -16.48
CA GLN B 249 0.50 1.97 -16.19
C GLN B 249 -0.36 0.71 -16.36
N VAL B 250 -1.60 0.82 -16.89
CA VAL B 250 -2.39 -0.38 -17.07
C VAL B 250 -1.72 -1.30 -18.09
N LYS B 251 -1.91 -2.61 -17.91
CA LYS B 251 -1.20 -3.62 -18.69
C LYS B 251 -2.13 -4.63 -19.35
N THR B 252 -3.45 -4.45 -19.25
CA THR B 252 -4.43 -5.36 -19.79
C THR B 252 -5.49 -4.56 -20.51
N PRO B 253 -6.28 -5.22 -21.35
CA PRO B 253 -7.48 -4.55 -21.88
C PRO B 253 -8.35 -4.00 -20.77
N ILE B 254 -9.00 -2.88 -21.08
CA ILE B 254 -9.86 -2.15 -20.15
C ILE B 254 -11.18 -1.89 -20.85
N LEU B 255 -12.29 -2.17 -20.15
CA LEU B 255 -13.61 -1.71 -20.59
C LEU B 255 -14.11 -0.66 -19.61
N ILE B 256 -14.40 0.53 -20.12
CA ILE B 256 -14.97 1.62 -19.34
C ILE B 256 -16.45 1.71 -19.71
N THR B 257 -17.33 1.53 -18.74
CA THR B 257 -18.73 1.91 -18.90
C THR B 257 -18.96 3.22 -18.18
N HIS B 258 -19.77 4.07 -18.78
CA HIS B 258 -19.95 5.44 -18.35
C HIS B 258 -21.46 5.69 -18.31
N HIS B 259 -22.01 5.72 -17.11
CA HIS B 259 -23.45 5.72 -16.94
C HIS B 259 -23.95 7.16 -16.86
N ALA B 260 -25.00 7.40 -16.09
CA ALA B 260 -25.58 8.75 -16.09
C ALA B 260 -24.58 9.75 -15.54
N ARG B 261 -24.58 10.95 -16.10
CA ARG B 261 -23.85 12.05 -15.50
C ARG B 261 -24.45 13.35 -16.00
N THR B 262 -24.46 14.35 -15.13
CA THR B 262 -24.93 15.67 -15.51
C THR B 262 -24.19 16.72 -14.70
N ILE B 263 -24.24 17.95 -15.19
CA ILE B 263 -23.67 19.11 -14.49
C ILE B 263 -24.83 19.91 -13.92
N ASP B 264 -24.85 20.11 -12.59
CA ASP B 264 -25.96 20.84 -12.01
C ASP B 264 -25.97 22.29 -12.48
N PRO B 265 -27.11 22.81 -12.95
CA PRO B 265 -27.14 24.17 -13.49
C PRO B 265 -27.19 25.27 -12.44
N GLU B 266 -27.26 24.94 -11.16
CA GLU B 266 -27.25 25.92 -10.08
C GLU B 266 -25.95 25.95 -9.30
N THR B 267 -25.29 24.81 -9.17
CA THR B 267 -24.06 24.74 -8.41
C THR B 267 -22.85 24.31 -9.22
N GLY B 268 -23.03 23.80 -10.44
CA GLY B 268 -21.91 23.27 -11.18
C GLY B 268 -21.37 21.93 -10.71
N GLU B 269 -22.03 21.30 -9.73
CA GLU B 269 -21.62 19.99 -9.24
C GLU B 269 -21.69 18.93 -10.33
N LEU B 270 -20.80 17.96 -10.24
CA LEU B 270 -20.88 16.78 -11.07
C LEU B 270 -21.81 15.79 -10.37
N LEU B 271 -22.89 15.42 -11.05
CA LEU B 271 -23.77 14.35 -10.62
C LEU B 271 -23.46 13.13 -11.47
N GLY B 272 -22.99 12.07 -10.86
CA GLY B 272 -22.49 10.91 -11.57
C GLY B 272 -21.05 10.60 -11.19
N ALA B 273 -20.47 9.61 -11.86
CA ALA B 273 -19.16 9.13 -11.48
C ALA B 273 -18.04 10.01 -12.02
N LEU B 274 -18.12 10.42 -13.28
CA LEU B 274 -17.08 11.23 -13.89
C LEU B 274 -17.70 11.94 -15.07
N SER B 275 -17.11 13.07 -15.42
CA SER B 275 -17.62 13.89 -16.53
C SER B 275 -17.16 13.33 -17.87
N ASP B 276 -17.77 13.84 -18.95
CA ASP B 276 -17.32 13.46 -20.28
C ASP B 276 -15.83 13.78 -20.47
N LEU B 277 -15.37 14.94 -19.97
CA LEU B 277 -13.98 15.31 -20.12
C LEU B 277 -13.07 14.33 -19.38
N GLN B 278 -13.47 13.94 -18.17
CA GLN B 278 -12.65 13.00 -17.41
C GLN B 278 -12.58 11.65 -18.12
N ALA B 279 -13.69 11.23 -18.75
CA ALA B 279 -13.70 9.95 -19.45
C ALA B 279 -12.83 10.01 -20.71
N GLU B 280 -12.90 11.12 -21.45
CA GLU B 280 -12.04 11.30 -22.61
C GLU B 280 -10.57 11.20 -22.20
N HIS B 281 -10.19 11.86 -21.12
CA HIS B 281 -8.78 11.79 -20.73
C HIS B 281 -8.41 10.39 -20.27
N ALA B 282 -9.27 9.73 -19.51
CA ALA B 282 -8.97 8.36 -19.10
C ALA B 282 -8.74 7.46 -20.31
N GLN B 283 -9.58 7.58 -21.33
CA GLN B 283 -9.39 6.77 -22.53
C GLN B 283 -8.08 7.10 -23.23
N ASP B 284 -7.79 8.41 -23.38
N ASP B 284 -7.79 8.40 -23.36
CA ASP B 284 -6.57 8.83 -24.04
CA ASP B 284 -6.58 8.84 -24.04
C ASP B 284 -5.35 8.24 -23.33
C ASP B 284 -5.32 8.32 -23.34
N ILE B 285 -5.32 8.34 -22.00
CA ILE B 285 -4.15 7.88 -21.28
C ILE B 285 -3.95 6.39 -21.46
N ILE B 286 -5.04 5.61 -21.37
CA ILE B 286 -4.94 4.17 -21.57
C ILE B 286 -4.47 3.85 -22.98
N ARG B 287 -5.08 4.49 -23.98
CA ARG B 287 -4.64 4.33 -25.36
C ARG B 287 -3.14 4.59 -25.49
N SER B 288 -2.66 5.65 -24.84
CA SER B 288 -1.24 5.98 -24.92
C SER B 288 -0.36 4.96 -24.22
N ALA B 289 -0.91 4.15 -23.33
CA ALA B 289 -0.12 3.06 -22.75
C ALA B 289 -0.02 1.87 -23.68
N GLY B 290 -0.70 1.92 -24.83
CA GLY B 290 -0.65 0.87 -25.81
C GLY B 290 -1.49 -0.34 -25.51
N VAL B 291 -2.49 -0.23 -24.65
CA VAL B 291 -3.35 -1.34 -24.33
C VAL B 291 -4.70 -1.11 -24.98
N ARG B 292 -5.42 -2.20 -25.17
CA ARG B 292 -6.76 -2.12 -25.73
C ARG B 292 -7.67 -1.44 -24.73
N VAL B 293 -8.47 -0.48 -25.21
CA VAL B 293 -9.46 0.18 -24.36
C VAL B 293 -10.77 0.27 -25.13
N ASP B 294 -11.85 -0.10 -24.47
CA ASP B 294 -13.19 0.07 -25.01
C ASP B 294 -14.00 0.93 -24.05
N TYR B 295 -14.83 1.79 -24.64
CA TYR B 295 -15.65 2.73 -23.90
C TYR B 295 -17.10 2.55 -24.34
N GLN B 296 -18.00 2.37 -23.37
CA GLN B 296 -19.42 2.31 -23.64
C GLN B 296 -20.12 3.38 -22.82
N SER B 297 -20.80 4.31 -23.50
CA SER B 297 -21.62 5.30 -22.81
C SER B 297 -23.04 4.79 -22.70
N HIS B 298 -23.54 4.68 -21.48
CA HIS B 298 -24.92 4.28 -21.18
C HIS B 298 -25.50 5.41 -20.34
N PRO B 299 -25.84 6.54 -20.97
CA PRO B 299 -26.12 7.76 -20.20
C PRO B 299 -27.44 7.73 -19.46
N ASP B 300 -28.28 6.72 -19.67
CA ASP B 300 -29.50 6.60 -18.89
C ASP B 300 -29.46 5.45 -17.91
N ALA B 301 -28.32 4.81 -17.75
CA ALA B 301 -28.19 3.78 -16.75
C ALA B 301 -27.84 4.39 -15.40
N LEU B 302 -28.32 3.75 -14.34
CA LEU B 302 -27.94 4.16 -13.00
C LEU B 302 -26.50 3.77 -12.69
N HIS B 303 -25.96 4.41 -11.66
CA HIS B 303 -24.57 4.24 -11.27
C HIS B 303 -24.24 2.77 -11.05
N MET B 304 -25.09 2.05 -10.32
CA MET B 304 -24.89 0.63 -10.04
C MET B 304 -25.72 -0.22 -11.00
N MET B 305 -25.28 -0.26 -12.25
CA MET B 305 -26.06 -0.98 -13.23
C MET B 305 -26.09 -2.46 -12.90
N HIS B 306 -25.03 -2.99 -12.28
CA HIS B 306 -25.02 -4.41 -11.98
C HIS B 306 -26.10 -4.80 -10.98
N LEU B 307 -26.61 -3.84 -10.22
CA LEU B 307 -27.65 -4.09 -9.24
C LEU B 307 -29.02 -3.77 -9.77
N PHE B 308 -29.16 -2.63 -10.44
CA PHE B 308 -30.47 -2.15 -10.86
C PHE B 308 -30.85 -2.61 -12.25
N ASP B 309 -29.90 -3.14 -13.03
CA ASP B 309 -30.19 -3.76 -14.32
C ASP B 309 -29.25 -4.93 -14.55
N PRO B 310 -29.36 -5.98 -13.71
CA PRO B 310 -28.41 -7.10 -13.79
C PRO B 310 -28.32 -7.74 -15.16
N ALA B 311 -29.45 -7.92 -15.85
CA ALA B 311 -29.38 -8.57 -17.15
C ALA B 311 -28.56 -7.75 -18.14
N ARG B 312 -28.68 -6.43 -18.11
CA ARG B 312 -27.92 -5.62 -19.05
C ARG B 312 -26.44 -5.63 -18.71
N TYR B 313 -26.13 -5.53 -17.42
CA TYR B 313 -24.73 -5.59 -17.00
C TYR B 313 -24.10 -6.94 -17.35
N ALA B 314 -24.80 -8.03 -17.07
CA ALA B 314 -24.27 -9.35 -17.37
C ALA B 314 -24.00 -9.50 -18.86
N GLU B 315 -24.89 -8.98 -19.71
CA GLU B 315 -24.66 -9.06 -21.14
C GLU B 315 -23.46 -8.25 -21.56
N ILE B 316 -23.30 -7.05 -21.00
CA ILE B 316 -22.17 -6.20 -21.36
C ILE B 316 -20.87 -6.92 -21.02
N LEU B 317 -20.79 -7.41 -19.78
CA LEU B 317 -19.58 -8.07 -19.32
C LEU B 317 -19.32 -9.36 -20.09
N THR B 318 -20.36 -10.17 -20.30
CA THR B 318 -20.14 -11.46 -20.95
C THR B 318 -19.75 -11.27 -22.42
N SER B 319 -20.43 -10.37 -23.12
CA SER B 319 -20.10 -10.13 -24.52
C SER B 319 -18.69 -9.59 -24.69
N TRP B 320 -18.27 -8.67 -23.80
CA TRP B 320 -16.91 -8.14 -23.90
C TRP B 320 -15.88 -9.20 -23.55
N SER B 321 -16.16 -9.98 -22.53
CA SER B 321 -15.21 -11.01 -22.13
C SER B 321 -14.96 -12.00 -23.27
N ALA B 322 -15.98 -12.22 -24.11
CA ALA B 322 -15.84 -13.16 -25.22
C ALA B 322 -14.93 -12.63 -26.33
N THR B 323 -14.59 -11.35 -26.31
CA THR B 323 -13.69 -10.78 -27.31
C THR B 323 -12.26 -10.77 -26.84
N LEU B 324 -12.00 -11.21 -25.63
CA LEU B 324 -10.67 -11.24 -25.08
C LEU B 324 -9.93 -12.49 -25.56
N PRO B 325 -8.63 -12.42 -25.73
CA PRO B 325 -7.85 -13.62 -26.05
C PRO B 325 -7.93 -14.63 -24.92
N ALA B 326 -7.84 -15.91 -25.29
CA ALA B 326 -7.94 -17.01 -24.33
C ALA B 326 -6.83 -16.95 -23.28
C1 GOL C . 22.13 12.82 9.59
O1 GOL C . 22.72 12.01 8.63
C2 GOL C . 20.73 13.12 9.04
O2 GOL C . 19.79 12.18 9.45
C3 GOL C . 20.37 14.52 9.51
O3 GOL C . 19.25 14.89 8.77
H11 GOL C . 22.05 12.39 10.46
H12 GOL C . 22.61 13.65 9.74
H2 GOL C . 20.77 13.09 8.07
HO2 GOL C . 19.52 11.76 8.76
H31 GOL C . 20.22 14.50 10.47
H32 GOL C . 21.13 15.10 9.38
C1 GOL D . 0.66 14.33 4.44
O1 GOL D . -0.10 14.38 3.25
C2 GOL D . 0.51 15.69 5.12
O2 GOL D . -0.80 16.17 5.09
C3 GOL D . 1.02 15.43 6.55
O3 GOL D . 0.97 16.66 7.23
H11 GOL D . 0.36 13.63 5.05
H12 GOL D . 1.60 14.15 4.27
HO1 GOL D . -0.57 15.09 3.30
H2 GOL D . 1.03 16.38 4.67
HO2 GOL D . -0.79 16.96 4.78
H31 GOL D . 0.46 14.75 6.96
H32 GOL D . 1.90 15.05 6.51
HO3 GOL D . 0.89 16.49 8.06
C1 GOL E . 25.12 10.31 3.16
O1 GOL E . 25.35 10.51 1.81
C2 GOL E . 23.84 9.45 3.29
O2 GOL E . 23.86 8.33 2.43
C3 GOL E . 23.81 9.08 4.81
O3 GOL E . 22.48 9.10 5.22
H11 GOL E . 25.86 9.85 3.61
H12 GOL E . 25.00 11.14 3.65
H2 GOL E . 23.04 9.93 3.03
HO2 GOL E . 23.23 7.80 2.68
H31 GOL E . 24.24 8.22 4.94
H32 GOL E . 24.37 9.71 5.30
HO3 GOL E . 22.05 8.60 4.69
C1 GOL F . 19.54 -13.93 20.69
O1 GOL F . 20.96 -14.05 20.78
C2 GOL F . 18.97 -12.97 21.75
O2 GOL F . 17.61 -13.23 21.86
C3 GOL F . 19.25 -11.52 21.24
O3 GOL F . 19.15 -10.63 22.34
H11 GOL F . 19.28 -13.60 19.82
H12 GOL F . 19.10 -14.78 20.79
HO1 GOL F . 21.30 -13.51 20.22
H2 GOL F . 19.39 -13.10 22.60
HO2 GOL F . 17.39 -13.02 22.66
H31 GOL F . 18.62 -11.33 20.53
H32 GOL F . 20.13 -11.51 20.83
HO3 GOL F . 19.42 -9.87 22.06
C1 GOL G . 16.81 26.23 -4.67
O1 GOL G . 16.67 25.97 -3.30
C2 GOL G . 17.59 25.05 -5.26
O2 GOL G . 16.78 24.02 -5.71
C3 GOL G . 18.46 25.64 -6.39
O3 GOL G . 18.97 24.54 -7.09
H11 GOL G . 17.29 27.06 -4.85
H12 GOL G . 15.96 26.31 -5.13
HO1 GOL G . 16.15 26.55 -2.99
H2 GOL G . 18.16 24.65 -4.57
H31 GOL G . 19.14 26.21 -6.01
H32 GOL G . 17.91 26.22 -6.93
HO3 GOL G . 19.79 24.70 -7.24
C1 GOL H . -13.57 22.35 -11.06
O1 GOL H . -13.11 23.60 -10.45
C2 GOL H . -13.61 22.47 -12.59
O2 GOL H . -13.84 23.74 -13.04
C3 GOL H . -14.77 21.52 -13.01
O3 GOL H . -14.80 21.53 -14.38
H11 GOL H . -13.00 21.60 -10.83
H12 GOL H . -14.46 22.11 -10.75
HO1 GOL H . -12.42 23.41 -9.97
H2 GOL H . -12.75 22.22 -12.95
HO2 GOL H . -13.62 24.27 -12.42
H31 GOL H . -14.61 20.64 -12.63
H32 GOL H . -15.60 21.82 -12.59
HO3 GOL H . -14.59 20.75 -14.64
C1 GOL I . -23.17 13.22 -3.41
O1 GOL I . -22.40 13.05 -2.25
C2 GOL I . -23.51 11.80 -4.02
O2 GOL I . -22.39 10.98 -4.12
C3 GOL I . -24.59 11.19 -3.12
O3 GOL I . -25.04 10.03 -3.78
H11 GOL I . -23.99 13.68 -3.22
H12 GOL I . -22.71 13.73 -4.08
HO1 GOL I . -21.81 12.47 -2.44
H2 GOL I . -23.85 11.93 -4.91
HO2 GOL I . -22.43 10.40 -3.50
H31 GOL I . -24.22 11.02 -2.24
H32 GOL I . -25.29 11.84 -2.98
HO3 GOL I . -24.38 9.73 -4.21
C1 GOL J . -3.41 14.09 2.51
O1 GOL J . -2.78 13.90 3.74
C2 GOL J . -3.93 15.52 2.51
O2 GOL J . -2.90 16.43 2.73
C3 GOL J . -4.59 15.66 1.13
O3 GOL J . -3.84 16.61 0.41
H11 GOL J . -2.81 13.96 1.76
H12 GOL J . -4.15 13.47 2.37
H2 GOL J . -4.57 15.68 3.22
HO2 GOL J . -2.60 16.31 3.51
H31 GOL J . -4.63 14.79 0.71
H32 GOL J . -5.53 15.91 1.27
HO3 GOL J . -3.34 17.00 0.96
C1 GOL K . -23.64 15.08 15.78
O1 GOL K . -23.42 13.87 16.44
C2 GOL K . -22.25 15.58 15.36
O2 GOL K . -21.44 14.52 15.00
C3 GOL K . -22.48 16.58 14.20
O3 GOL K . -21.54 17.60 14.30
H11 GOL K . -24.19 14.99 14.99
H12 GOL K . -24.06 15.75 16.33
HO1 GOL K . -22.65 13.60 16.21
H2 GOL K . -21.80 16.05 16.09
HO2 GOL K . -20.86 14.80 14.44
H31 GOL K . -22.42 16.09 13.36
H32 GOL K . -23.40 16.89 14.24
HO3 GOL K . -21.61 18.08 13.59
C1 GOL L . -16.53 -3.29 -25.76
O1 GOL L . -17.23 -2.17 -26.15
C2 GOL L . -16.98 -4.46 -26.65
O2 GOL L . -15.97 -5.39 -26.81
C3 GOL L . -18.21 -5.05 -25.93
O3 GOL L . -18.45 -6.33 -26.44
H11 GOL L . -16.66 -3.51 -24.83
H12 GOL L . -15.57 -3.16 -25.86
H2 GOL L . -17.22 -4.16 -27.54
H31 GOL L . -18.96 -4.43 -26.06
H32 GOL L . -18.05 -5.03 -24.97
HO3 GOL L . -17.70 -6.66 -26.62
#